data_6QAJ
#
_entry.id   6QAJ
#
_cell.length_a   59.774
_cell.length_b   169.332
_cell.length_c   374.508
_cell.angle_alpha   90.000
_cell.angle_beta   90.000
_cell.angle_gamma   90.000
#
_symmetry.space_group_name_H-M   'C 2 2 21'
#
loop_
_entity.id
_entity.type
_entity.pdbx_description
1 polymer 'Endolysin,Transcription intermediary factor 1-beta'
2 non-polymer 'ZINC ION'
#
_entity_poly.entity_id   1
_entity_poly.type   'polypeptide(L)'
_entity_poly.pdbx_seq_one_letter_code
;MGSSHHHHHHSQDPNSSSENLYFQGNIFEMLRIDERLRLKIYKDTEGYYTIGIGHLLTKSPSLNAAKSELDKAIGRNCNG
VITKDEAEKLFNQDVDAAVRGILRNAKLKPVYDSLDAVRRCALINMVFQMGETGVAGFTNSLRMLQQKRWDEAAVNLAKS
IWYNQTPNRAKRVITTFRTGTWDAYAAEALELLEHCGVCRERLRPEREPRLLPCLHSACSACLGPAAPAAANSSGDGGAA
GDGTVVDCPVCKQQCFSKDIVENYFMRDSGSKAATDAQDANQCCTSCEDNAPATSYCVECSEPLCETCVEAHQRVKYTKD
HTVRSTGPAKSRDGERTVYCNVHKHEPLVLFCESCDTLTCRDCQLNAHKDHQYQFLEDAVRNQRKLLASLVKRLGDKHAT
LQKSTKEVRSSIRQVSDVQKRVQVDVKMAILQIMKELNKRGRVLVNDAQKVTEGQQERLERQHWTMTKIQKHQEHILRFA
SWALESDNNTALLLSKKLIYFQLHRALKMIVDPVEPHGEMKFQWDLNAWTKSAEAFGKIVAERP
;
_entity_poly.pdbx_strand_id   A,B
#
loop_
_chem_comp.id
_chem_comp.type
_chem_comp.name
_chem_comp.formula
ZN non-polymer 'ZINC ION' 'Zn 2'
#
# COMPACT_ATOMS: atom_id res chain seq x y z
N ASN A 20 -27.94 10.01 56.56
CA ASN A 20 -27.99 9.28 55.26
C ASN A 20 -28.46 10.22 54.15
N LEU A 21 -27.51 10.92 53.55
CA LEU A 21 -27.83 11.93 52.55
C LEU A 21 -26.67 11.99 51.56
N TYR A 22 -26.53 10.94 50.74
CA TYR A 22 -25.65 11.04 49.57
C TYR A 22 -26.50 11.57 48.41
N PHE A 23 -26.30 12.87 48.05
CA PHE A 23 -26.83 13.45 46.80
C PHE A 23 -25.74 14.32 46.16
N GLN A 24 -25.31 13.86 45.01
CA GLN A 24 -24.20 14.40 44.22
C GLN A 24 -24.49 14.00 42.77
N GLY A 25 -24.28 12.73 42.51
CA GLY A 25 -24.62 12.16 41.23
C GLY A 25 -24.31 13.00 40.07
N ASN A 26 -23.12 13.60 40.02
CA ASN A 26 -22.63 14.37 38.90
C ASN A 26 -21.29 13.77 38.46
N ILE A 27 -20.56 14.49 37.62
CA ILE A 27 -19.33 13.97 37.03
C ILE A 27 -18.16 14.93 37.21
N PHE A 28 -18.20 16.13 36.61
CA PHE A 28 -17.04 16.99 36.72
C PHE A 28 -17.38 18.37 37.26
N GLU A 29 -18.47 18.48 38.01
CA GLU A 29 -18.65 19.57 38.96
C GLU A 29 -17.70 19.45 40.15
N MET A 30 -17.11 18.28 40.35
CA MET A 30 -16.22 18.07 41.49
C MET A 30 -15.14 19.14 41.55
N LEU A 31 -14.62 19.54 40.38
CA LEU A 31 -13.69 20.66 40.34
C LEU A 31 -14.37 21.96 40.74
N ARG A 32 -15.68 22.10 40.46
CA ARG A 32 -16.41 23.28 40.88
C ARG A 32 -16.60 23.30 42.39
N ILE A 33 -16.65 22.13 43.02
CA ILE A 33 -16.80 22.05 44.46
C ILE A 33 -15.46 22.23 45.16
N ASP A 34 -14.41 21.57 44.65
CA ASP A 34 -13.09 21.68 45.26
C ASP A 34 -12.57 23.10 45.18
N GLU A 35 -12.51 23.64 43.96
CA GLU A 35 -12.00 24.99 43.72
C GLU A 35 -13.17 25.95 43.59
N ARG A 36 -13.01 27.14 44.16
CA ARG A 36 -14.09 28.12 44.18
C ARG A 36 -14.22 28.81 42.82
N LEU A 37 -14.94 29.92 42.78
CA LEU A 37 -15.03 30.78 41.60
C LEU A 37 -14.67 32.18 42.04
N ARG A 38 -13.63 32.76 41.45
CA ARG A 38 -13.16 34.08 41.83
C ARG A 38 -12.92 34.92 40.59
N LEU A 39 -13.67 36.03 40.47
CA LEU A 39 -13.50 36.93 39.34
C LEU A 39 -12.34 37.90 39.52
N LYS A 40 -11.76 37.97 40.71
CA LYS A 40 -10.63 38.83 41.00
C LYS A 40 -9.37 37.99 41.19
N ILE A 41 -8.21 38.57 40.87
CA ILE A 41 -6.95 37.86 41.08
C ILE A 41 -6.78 37.57 42.56
N TYR A 42 -6.32 36.37 42.89
CA TYR A 42 -6.16 35.94 44.26
C TYR A 42 -4.87 35.14 44.37
N LYS A 43 -4.32 35.09 45.58
CA LYS A 43 -3.06 34.40 45.82
C LYS A 43 -3.33 32.97 46.27
N ASP A 44 -2.68 32.03 45.58
CA ASP A 44 -2.92 30.60 45.78
C ASP A 44 -2.61 30.20 47.22
N THR A 45 -3.04 28.99 47.58
CA THR A 45 -2.61 28.39 48.83
C THR A 45 -1.11 28.13 48.81
N GLU A 46 -0.52 27.97 47.62
CA GLU A 46 0.93 27.88 47.48
C GLU A 46 1.60 29.24 47.47
N GLY A 47 0.84 30.32 47.34
CA GLY A 47 1.40 31.64 47.22
C GLY A 47 1.49 32.17 45.81
N TYR A 48 0.92 31.46 44.83
CA TYR A 48 1.03 31.87 43.44
C TYR A 48 -0.15 32.76 43.05
N TYR A 49 0.02 33.50 41.96
CA TYR A 49 -1.06 34.31 41.42
C TYR A 49 -1.99 33.44 40.59
N THR A 50 -3.27 33.44 40.96
CA THR A 50 -4.28 32.62 40.32
C THR A 50 -5.52 33.45 40.03
N ILE A 51 -6.41 32.89 39.22
CA ILE A 51 -7.67 33.56 38.89
C ILE A 51 -8.66 32.53 38.36
N GLY A 52 -9.93 32.90 38.32
CA GLY A 52 -10.94 32.03 37.75
C GLY A 52 -11.23 30.86 38.66
N ILE A 53 -11.20 29.66 38.09
CA ILE A 53 -11.43 28.44 38.85
C ILE A 53 -10.12 27.66 38.89
N GLY A 54 -9.19 28.11 39.72
CA GLY A 54 -7.93 27.42 39.88
C GLY A 54 -7.05 27.42 38.65
N HIS A 55 -6.97 28.56 37.96
CA HIS A 55 -6.11 28.70 36.79
C HIS A 55 -4.80 29.34 37.24
N LEU A 56 -3.71 28.58 37.17
CA LEU A 56 -2.40 29.08 37.56
C LEU A 56 -1.81 29.90 36.42
N LEU A 57 -1.68 31.21 36.64
CA LEU A 57 -1.06 32.08 35.65
C LEU A 57 0.45 31.91 35.64
N THR A 58 1.10 32.28 36.73
CA THR A 58 2.56 32.23 36.82
C THR A 58 2.96 32.04 38.27
N LYS A 59 4.20 31.61 38.47
CA LYS A 59 4.73 31.35 39.80
C LYS A 59 5.64 32.46 40.30
N SER A 60 5.87 33.51 39.52
CA SER A 60 6.68 34.64 39.93
C SER A 60 5.87 35.56 40.83
N PRO A 61 6.53 36.35 41.68
CA PRO A 61 5.79 37.22 42.60
C PRO A 61 5.17 38.45 41.95
N SER A 62 5.69 38.90 40.81
CA SER A 62 5.25 40.17 40.24
C SER A 62 3.85 40.05 39.64
N LEU A 63 2.98 41.01 39.97
CA LEU A 63 1.63 41.01 39.44
C LEU A 63 1.58 41.35 37.96
N ASN A 64 2.34 42.36 37.51
CA ASN A 64 2.22 42.79 36.13
C ASN A 64 2.48 41.64 35.17
N ALA A 65 3.37 40.71 35.55
CA ALA A 65 3.51 39.48 34.77
C ALA A 65 2.19 38.70 34.78
N ALA A 66 1.50 38.69 35.92
CA ALA A 66 0.23 37.99 36.02
C ALA A 66 -0.83 38.63 35.12
N LYS A 67 -0.89 39.97 35.09
CA LYS A 67 -1.84 40.66 34.23
C LYS A 67 -1.48 40.46 32.75
N SER A 68 -0.19 40.37 32.43
CA SER A 68 0.20 40.11 31.05
C SER A 68 -0.23 38.72 30.61
N GLU A 69 0.03 37.71 31.44
CA GLU A 69 -0.43 36.35 31.11
C GLU A 69 -1.95 36.27 31.08
N LEU A 70 -2.62 37.01 31.97
CA LEU A 70 -4.08 37.02 31.96
C LEU A 70 -4.61 37.59 30.65
N ASP A 71 -4.11 38.76 30.23
CA ASP A 71 -4.55 39.34 28.97
C ASP A 71 -4.13 38.49 27.77
N LYS A 72 -3.07 37.69 27.90
CA LYS A 72 -2.71 36.76 26.82
C LYS A 72 -3.68 35.59 26.75
N ALA A 73 -4.16 35.13 27.91
CA ALA A 73 -5.09 33.99 27.93
C ALA A 73 -6.51 34.41 27.61
N ILE A 74 -6.92 35.61 28.00
CA ILE A 74 -8.31 36.04 27.86
C ILE A 74 -8.53 36.57 26.45
N GLY A 75 -7.58 37.36 25.94
CA GLY A 75 -7.66 37.94 24.63
C GLY A 75 -8.12 39.37 24.57
N ARG A 76 -8.70 39.89 25.64
CA ARG A 76 -9.19 41.25 25.71
C ARG A 76 -8.48 42.00 26.83
N ASN A 77 -8.66 43.32 26.86
CA ASN A 77 -8.17 44.13 27.96
C ASN A 77 -9.05 43.90 29.18
N CYS A 78 -8.48 43.31 30.23
CA CYS A 78 -9.26 42.94 31.40
C CYS A 78 -9.02 43.83 32.61
N ASN A 79 -7.81 44.38 32.75
CA ASN A 79 -7.44 45.15 33.93
C ASN A 79 -7.41 44.26 35.17
N GLY A 80 -7.18 42.96 34.99
CA GLY A 80 -7.05 42.06 36.11
C GLY A 80 -8.36 41.60 36.73
N VAL A 81 -9.46 41.76 36.01
CA VAL A 81 -10.78 41.34 36.50
C VAL A 81 -11.52 40.65 35.36
N ILE A 82 -12.16 39.52 35.67
CA ILE A 82 -12.89 38.74 34.68
C ILE A 82 -14.36 38.68 35.09
N THR A 83 -15.17 38.13 34.20
CA THR A 83 -16.58 37.88 34.46
C THR A 83 -16.82 36.38 34.61
N LYS A 84 -18.08 36.00 34.81
CA LYS A 84 -18.40 34.62 35.13
C LYS A 84 -18.25 33.72 33.91
N ASP A 85 -18.89 34.09 32.79
CA ASP A 85 -18.94 33.20 31.64
C ASP A 85 -17.55 32.96 31.05
N GLU A 86 -16.72 34.01 30.96
CA GLU A 86 -15.37 33.82 30.44
C GLU A 86 -14.50 33.03 31.41
N ALA A 87 -14.70 33.21 32.73
CA ALA A 87 -13.96 32.39 33.68
C ALA A 87 -14.32 30.92 33.52
N GLU A 88 -15.60 30.63 33.25
CA GLU A 88 -16.00 29.24 33.01
C GLU A 88 -15.53 28.78 31.64
N LYS A 89 -15.36 29.72 30.71
CA LYS A 89 -14.69 29.37 29.47
C LYS A 89 -13.29 28.86 29.78
N LEU A 90 -12.54 29.62 30.59
CA LEU A 90 -11.20 29.17 31.00
C LEU A 90 -11.26 27.85 31.77
N PHE A 91 -12.32 27.61 32.53
CA PHE A 91 -12.46 26.34 33.25
C PHE A 91 -12.55 25.17 32.26
N ASN A 92 -13.45 25.27 31.28
CA ASN A 92 -13.56 24.24 30.26
C ASN A 92 -12.24 24.10 29.48
N GLN A 93 -11.59 25.23 29.18
CA GLN A 93 -10.33 25.22 28.45
C GLN A 93 -9.26 24.47 29.20
N ASP A 94 -9.14 24.75 30.50
CA ASP A 94 -8.12 24.15 31.33
C ASP A 94 -8.40 22.67 31.53
N VAL A 95 -9.68 22.28 31.67
CA VAL A 95 -9.99 20.87 31.85
C VAL A 95 -9.65 20.08 30.58
N ASP A 96 -10.01 20.62 29.41
CA ASP A 96 -9.66 19.94 28.17
C ASP A 96 -8.15 19.86 28.01
N ALA A 97 -7.42 20.90 28.40
CA ALA A 97 -5.97 20.82 28.32
C ALA A 97 -5.40 19.80 29.31
N ALA A 98 -6.01 19.65 30.48
CA ALA A 98 -5.56 18.64 31.44
C ALA A 98 -5.76 17.24 30.88
N VAL A 99 -6.90 16.98 30.25
CA VAL A 99 -7.12 15.67 29.66
C VAL A 99 -6.15 15.43 28.49
N ARG A 100 -5.80 16.49 27.77
CA ARG A 100 -4.79 16.34 26.72
C ARG A 100 -3.45 15.94 27.32
N GLY A 101 -3.04 16.61 28.40
CA GLY A 101 -1.82 16.25 29.09
C GLY A 101 -1.86 14.88 29.74
N ILE A 102 -3.05 14.35 30.00
CA ILE A 102 -3.17 12.99 30.50
C ILE A 102 -2.92 11.99 29.39
N LEU A 103 -3.71 12.09 28.30
CA LEU A 103 -3.57 11.13 27.21
C LEU A 103 -2.24 11.26 26.49
N ARG A 104 -1.56 12.41 26.61
CA ARG A 104 -0.27 12.58 25.97
C ARG A 104 0.85 11.90 26.74
N ASN A 105 0.78 11.92 28.07
CA ASN A 105 1.83 11.33 28.90
C ASN A 105 1.77 9.81 28.82
N ALA A 106 2.94 9.18 28.71
CA ALA A 106 3.04 7.75 28.54
C ALA A 106 3.22 7.00 29.85
N LYS A 107 3.42 7.71 30.96
CA LYS A 107 3.57 7.07 32.26
C LYS A 107 2.24 6.83 32.95
N LEU A 108 1.25 7.70 32.73
CA LEU A 108 -0.01 7.66 33.44
C LEU A 108 -1.20 7.32 32.56
N LYS A 109 -0.98 7.09 31.26
CA LYS A 109 -2.09 6.67 30.39
C LYS A 109 -2.48 5.22 30.64
N PRO A 110 -1.55 4.26 30.71
CA PRO A 110 -1.97 2.88 31.00
C PRO A 110 -2.71 2.77 32.32
N VAL A 111 -2.31 3.56 33.32
CA VAL A 111 -3.05 3.62 34.57
C VAL A 111 -4.35 4.38 34.40
N TYR A 112 -4.45 5.23 33.37
CA TYR A 112 -5.71 5.94 33.15
C TYR A 112 -6.77 5.00 32.57
N ASP A 113 -6.35 4.05 31.73
CA ASP A 113 -7.34 3.20 31.05
C ASP A 113 -8.00 2.22 32.01
N SER A 114 -7.27 1.73 33.01
CA SER A 114 -7.78 0.69 33.90
C SER A 114 -8.78 1.20 34.93
N LEU A 115 -9.08 2.50 34.92
CA LEU A 115 -9.93 3.11 35.94
C LEU A 115 -11.37 3.24 35.47
N ASP A 116 -12.28 3.29 36.45
CA ASP A 116 -13.66 3.62 36.16
C ASP A 116 -13.78 5.10 35.80
N ALA A 117 -14.97 5.51 35.33
CA ALA A 117 -15.17 6.90 34.96
C ALA A 117 -14.88 7.82 36.15
N VAL A 118 -15.30 7.41 37.34
CA VAL A 118 -15.17 8.26 38.53
C VAL A 118 -13.71 8.41 38.94
N ARG A 119 -12.98 7.30 38.99
CA ARG A 119 -11.57 7.35 39.35
C ARG A 119 -10.79 8.13 38.29
N ARG A 120 -11.23 8.03 37.03
CA ARG A 120 -10.63 8.85 35.98
C ARG A 120 -10.87 10.32 36.24
N CYS A 121 -12.09 10.69 36.65
CA CYS A 121 -12.34 12.08 37.02
C CYS A 121 -11.40 12.54 38.13
N ALA A 122 -11.16 11.67 39.11
CA ALA A 122 -10.24 12.04 40.19
C ALA A 122 -8.83 12.28 39.65
N LEU A 123 -8.36 11.43 38.74
CA LEU A 123 -7.04 11.63 38.17
C LEU A 123 -6.96 12.94 37.40
N ILE A 124 -8.03 13.25 36.64
CA ILE A 124 -8.06 14.51 35.92
C ILE A 124 -8.00 15.68 36.90
N ASN A 125 -8.66 15.54 38.05
CA ASN A 125 -8.62 16.59 39.06
C ASN A 125 -7.19 16.83 39.54
N MET A 126 -6.48 15.74 39.83
CA MET A 126 -5.10 15.88 40.28
C MET A 126 -4.25 16.57 39.23
N VAL A 127 -4.45 16.22 37.96
CA VAL A 127 -3.67 16.84 36.90
C VAL A 127 -4.01 18.32 36.79
N PHE A 128 -5.30 18.66 36.93
CA PHE A 128 -5.70 20.05 36.85
C PHE A 128 -5.03 20.86 37.94
N GLN A 129 -4.89 20.27 39.12
CA GLN A 129 -4.33 21.05 40.22
C GLN A 129 -2.83 21.22 40.11
N MET A 130 -2.09 20.14 39.78
CA MET A 130 -0.64 20.20 39.88
C MET A 130 0.12 20.06 38.56
N GLY A 131 -0.54 19.69 37.47
CA GLY A 131 0.14 19.52 36.20
C GLY A 131 0.50 18.07 35.92
N GLU A 132 0.65 17.75 34.64
CA GLU A 132 0.94 16.38 34.26
C GLU A 132 2.33 15.95 34.76
N THR A 133 3.30 16.86 34.71
CA THR A 133 4.63 16.54 35.22
C THR A 133 4.61 16.41 36.73
N GLY A 134 3.70 17.12 37.39
CA GLY A 134 3.58 17.00 38.84
C GLY A 134 3.02 15.66 39.25
N VAL A 135 1.96 15.19 38.58
CA VAL A 135 1.37 13.91 38.96
C VAL A 135 2.14 12.73 38.40
N ALA A 136 2.94 12.94 37.35
CA ALA A 136 3.77 11.87 36.82
C ALA A 136 4.89 11.50 37.78
N GLY A 137 5.11 12.30 38.83
CA GLY A 137 6.15 12.01 39.80
C GLY A 137 5.78 10.96 40.82
N PHE A 138 4.49 10.75 41.07
CA PHE A 138 4.05 9.76 42.06
C PHE A 138 4.01 8.37 41.43
N THR A 139 5.16 7.87 40.97
CA THR A 139 5.14 6.66 40.14
C THR A 139 4.79 5.43 40.98
N ASN A 140 5.45 5.30 42.14
CA ASN A 140 5.19 4.17 43.02
C ASN A 140 3.71 4.05 43.34
N SER A 141 3.06 5.17 43.66
CA SER A 141 1.64 5.13 43.98
C SER A 141 0.76 4.99 42.75
N LEU A 142 1.18 5.57 41.62
CA LEU A 142 0.38 5.43 40.40
C LEU A 142 0.28 3.97 39.96
N ARG A 143 1.38 3.23 40.05
CA ARG A 143 1.32 1.83 39.64
C ARG A 143 0.38 1.02 40.55
N MET A 144 0.14 1.50 41.79
CA MET A 144 -0.78 0.80 42.67
C MET A 144 -2.23 0.97 42.23
N LEU A 145 -2.53 2.00 41.44
CA LEU A 145 -3.90 2.24 41.02
C LEU A 145 -4.32 1.27 39.91
N GLN A 146 -3.42 1.00 38.96
CA GLN A 146 -3.78 0.10 37.87
C GLN A 146 -3.86 -1.35 38.32
N GLN A 147 -3.26 -1.69 39.46
CA GLN A 147 -3.36 -3.04 40.00
C GLN A 147 -4.56 -3.20 40.93
N LYS A 148 -5.40 -2.16 41.04
CA LYS A 148 -6.65 -2.22 41.83
C LYS A 148 -6.38 -2.51 43.31
N ARG A 149 -5.23 -2.07 43.80
CA ARG A 149 -4.91 -2.13 45.23
C ARG A 149 -5.24 -0.75 45.78
N TRP A 150 -6.49 -0.56 46.20
CA TRP A 150 -6.96 0.78 46.50
C TRP A 150 -6.44 1.27 47.84
N ASP A 151 -6.52 0.44 48.88
CA ASP A 151 -6.15 0.90 50.21
C ASP A 151 -4.67 1.27 50.27
N GLU A 152 -3.81 0.48 49.63
CA GLU A 152 -2.39 0.83 49.56
C GLU A 152 -2.19 2.19 48.89
N ALA A 153 -2.89 2.43 47.78
CA ALA A 153 -2.76 3.73 47.10
C ALA A 153 -3.22 4.85 48.01
N ALA A 154 -4.33 4.66 48.73
CA ALA A 154 -4.82 5.69 49.64
C ALA A 154 -3.78 6.02 50.69
N VAL A 155 -3.24 5.00 51.35
CA VAL A 155 -2.30 5.26 52.45
C VAL A 155 -1.01 5.86 51.92
N ASN A 156 -0.55 5.43 50.74
CA ASN A 156 0.70 5.99 50.21
C ASN A 156 0.52 7.42 49.74
N LEU A 157 -0.66 7.76 49.19
CA LEU A 157 -0.90 9.14 48.81
C LEU A 157 -1.11 10.03 50.02
N ALA A 158 -1.64 9.47 51.11
CA ALA A 158 -1.89 10.26 52.31
C ALA A 158 -0.62 10.88 52.90
N LYS A 159 0.56 10.40 52.50
CA LYS A 159 1.82 10.89 53.05
C LYS A 159 2.65 11.62 52.00
N SER A 160 2.00 12.24 51.02
CA SER A 160 2.67 12.97 49.96
C SER A 160 2.74 14.46 50.28
N ILE A 161 3.66 15.16 49.61
CA ILE A 161 3.79 16.60 49.80
C ILE A 161 2.46 17.29 49.53
N TRP A 162 1.77 16.84 48.48
CA TRP A 162 0.48 17.39 48.10
C TRP A 162 -0.53 17.28 49.23
N TYR A 163 -0.38 16.28 50.11
CA TYR A 163 -1.31 16.12 51.21
C TYR A 163 -1.08 17.17 52.29
N ASN A 164 0.19 17.51 52.57
CA ASN A 164 0.48 18.52 53.57
C ASN A 164 0.23 19.93 53.05
N GLN A 165 0.35 20.12 51.73
CA GLN A 165 0.12 21.42 51.13
C GLN A 165 -1.37 21.80 51.14
N THR A 166 -2.20 20.97 50.52
CA THR A 166 -3.65 21.19 50.47
C THR A 166 -4.34 19.95 51.02
N PRO A 167 -4.38 19.79 52.35
CA PRO A 167 -4.92 18.55 52.91
C PRO A 167 -6.40 18.34 52.64
N ASN A 168 -7.18 19.41 52.49
CA ASN A 168 -8.61 19.26 52.24
C ASN A 168 -8.88 18.55 50.91
N ARG A 169 -8.36 19.09 49.83
CA ARG A 169 -8.59 18.48 48.52
C ARG A 169 -7.95 17.11 48.46
N ALA A 170 -6.79 16.93 49.12
CA ALA A 170 -6.13 15.64 49.10
C ALA A 170 -6.99 14.58 49.78
N LYS A 171 -7.56 14.91 50.95
CA LYS A 171 -8.42 13.95 51.64
C LYS A 171 -9.64 13.61 50.80
N ARG A 172 -10.22 14.62 50.14
CA ARG A 172 -11.41 14.35 49.33
C ARG A 172 -11.09 13.46 48.13
N VAL A 173 -9.99 13.75 47.43
CA VAL A 173 -9.64 12.96 46.26
C VAL A 173 -9.20 11.56 46.65
N ILE A 174 -8.49 11.43 47.79
CA ILE A 174 -8.09 10.10 48.23
C ILE A 174 -9.29 9.26 48.63
N THR A 175 -10.29 9.87 49.26
CA THR A 175 -11.49 9.12 49.60
C THR A 175 -12.22 8.68 48.32
N THR A 176 -12.26 9.56 47.31
CA THR A 176 -12.93 9.19 46.06
C THR A 176 -12.16 8.11 45.31
N PHE A 177 -10.83 8.11 45.39
CA PHE A 177 -10.06 7.02 44.79
C PHE A 177 -10.30 5.71 45.53
N ARG A 178 -10.30 5.75 46.86
CA ARG A 178 -10.48 4.51 47.64
C ARG A 178 -11.84 3.90 47.39
N THR A 179 -12.90 4.72 47.41
CA THR A 179 -14.26 4.19 47.37
C THR A 179 -14.80 3.97 45.97
N GLY A 180 -14.37 4.77 44.99
CA GLY A 180 -14.98 4.67 43.67
C GLY A 180 -16.37 5.25 43.60
N THR A 181 -16.73 6.11 44.54
CA THR A 181 -18.03 6.76 44.55
C THR A 181 -17.85 8.25 44.75
N TRP A 182 -18.90 8.99 44.45
CA TRP A 182 -18.90 10.43 44.68
C TRP A 182 -19.32 10.78 46.11
N ASP A 183 -19.43 9.79 47.00
CA ASP A 183 -19.92 10.05 48.36
C ASP A 183 -19.10 11.12 49.04
N ALA A 184 -17.78 11.08 48.85
CA ALA A 184 -16.89 12.02 49.53
C ALA A 184 -17.20 13.45 49.13
N TYR A 185 -17.72 13.64 47.93
CA TYR A 185 -18.17 14.97 47.53
C TYR A 185 -19.61 15.25 47.92
N ALA A 186 -20.49 14.24 47.95
CA ALA A 186 -21.84 14.45 48.44
C ALA A 186 -21.81 15.06 49.84
N ALA A 187 -20.94 14.51 50.71
CA ALA A 187 -20.79 15.08 52.04
C ALA A 187 -20.44 16.57 51.95
N GLU A 188 -19.45 16.92 51.14
CA GLU A 188 -19.11 18.33 50.96
C GLU A 188 -20.29 19.13 50.40
N ALA A 189 -21.07 18.53 49.50
CA ALA A 189 -22.23 19.19 48.94
C ALA A 189 -23.22 19.57 50.03
N LEU A 190 -23.35 18.71 51.05
CA LEU A 190 -24.20 19.05 52.19
C LEU A 190 -23.53 20.03 53.14
N GLU A 191 -22.21 19.90 53.30
CA GLU A 191 -21.47 20.81 54.18
C GLU A 191 -21.56 22.24 53.67
N LEU A 192 -21.23 22.44 52.38
CA LEU A 192 -21.38 23.70 51.69
C LEU A 192 -22.81 24.22 51.75
N LEU A 193 -23.77 23.38 52.15
CA LEU A 193 -25.14 23.85 52.29
C LEU A 193 -25.26 24.96 53.32
N GLU A 194 -24.28 25.08 54.22
CA GLU A 194 -24.25 26.17 55.19
C GLU A 194 -23.44 27.37 54.71
N HIS A 195 -23.01 27.39 53.45
CA HIS A 195 -22.24 28.49 52.92
C HIS A 195 -22.95 29.11 51.73
N CYS A 196 -22.74 30.41 51.53
CA CYS A 196 -23.34 31.09 50.39
C CYS A 196 -22.69 30.61 49.10
N GLY A 197 -23.49 30.55 48.04
CA GLY A 197 -23.03 30.08 46.76
C GLY A 197 -22.19 31.07 45.99
N VAL A 198 -21.81 32.18 46.60
CA VAL A 198 -21.08 33.24 45.91
C VAL A 198 -19.66 33.36 46.43
N CYS A 199 -19.51 33.79 47.68
CA CYS A 199 -18.19 33.99 48.28
C CYS A 199 -17.75 32.83 49.15
N ARG A 200 -18.52 31.75 49.22
CA ARG A 200 -18.12 30.52 49.90
C ARG A 200 -17.65 30.78 51.33
N GLU A 201 -18.24 31.77 51.99
CA GLU A 201 -17.99 32.02 53.40
C GLU A 201 -19.01 31.31 54.29
N ARG A 202 -18.64 31.12 55.55
CA ARG A 202 -19.52 30.46 56.51
C ARG A 202 -20.66 31.40 56.89
N LEU A 203 -21.89 30.92 56.72
CA LEU A 203 -23.10 31.73 56.93
C LEU A 203 -23.38 31.83 58.44
N ARG A 204 -22.60 32.70 59.10
CA ARG A 204 -22.81 32.96 60.52
C ARG A 204 -23.84 34.07 60.70
N PRO A 205 -24.16 34.50 61.93
CA PRO A 205 -25.05 35.67 62.07
C PRO A 205 -24.55 36.92 61.33
N GLU A 206 -23.25 37.25 61.47
CA GLU A 206 -22.53 38.18 60.60
C GLU A 206 -22.19 37.55 59.24
N ARG A 207 -22.01 38.41 58.26
CA ARG A 207 -22.38 37.98 56.94
C ARG A 207 -23.83 37.49 56.91
N GLU A 208 -24.81 38.38 56.93
CA GLU A 208 -26.15 37.96 57.33
C GLU A 208 -26.80 37.05 56.30
N PRO A 209 -27.09 35.79 56.64
CA PRO A 209 -27.66 34.88 55.64
C PRO A 209 -29.09 35.26 55.28
N ARG A 210 -29.42 35.02 54.02
CA ARG A 210 -30.74 35.21 53.45
C ARG A 210 -31.03 33.97 52.63
N LEU A 211 -32.29 33.56 52.60
CA LEU A 211 -32.72 32.33 51.96
C LEU A 211 -33.77 32.68 50.93
N LEU A 212 -33.42 32.54 49.65
CA LEU A 212 -34.33 32.88 48.58
C LEU A 212 -35.31 31.74 48.32
N PRO A 213 -36.43 32.03 47.64
CA PRO A 213 -37.40 30.97 47.34
C PRO A 213 -36.81 29.84 46.51
N CYS A 214 -35.74 30.07 45.77
CA CYS A 214 -35.05 28.97 45.07
C CYS A 214 -34.26 28.06 46.02
N LEU A 215 -34.37 28.30 47.32
CA LEU A 215 -33.73 27.51 48.37
C LEU A 215 -32.21 27.60 48.34
N HIS A 216 -31.65 28.60 47.69
CA HIS A 216 -30.24 28.92 47.86
C HIS A 216 -30.09 29.90 49.01
N SER A 217 -28.88 29.95 49.57
CA SER A 217 -28.57 30.84 50.68
C SER A 217 -27.41 31.73 50.29
N ALA A 218 -27.48 32.99 50.72
CA ALA A 218 -26.47 33.97 50.34
C ALA A 218 -26.31 34.98 51.48
N CYS A 219 -25.36 35.88 51.31
CA CYS A 219 -25.20 36.99 52.24
C CYS A 219 -26.09 38.15 51.83
N SER A 220 -26.32 39.07 52.76
CA SER A 220 -27.12 40.25 52.46
C SER A 220 -26.42 41.16 51.46
N ALA A 221 -25.10 41.04 51.32
CA ALA A 221 -24.34 41.88 50.40
C ALA A 221 -24.13 41.23 49.04
N CYS A 222 -24.28 39.90 48.92
CA CYS A 222 -23.99 39.19 47.69
C CYS A 222 -25.21 39.04 46.77
N LEU A 223 -26.19 39.95 46.87
CA LEU A 223 -27.41 39.87 46.08
C LEU A 223 -27.46 40.93 44.99
N GLY A 224 -26.32 41.49 44.60
CA GLY A 224 -26.24 42.42 43.49
C GLY A 224 -26.17 43.88 43.90
N PRO A 225 -25.37 44.67 43.15
CA PRO A 225 -25.17 46.07 43.53
C PRO A 225 -26.18 47.01 42.89
N ALA A 226 -26.09 48.30 43.24
CA ALA A 226 -26.98 49.30 42.69
C ALA A 226 -26.79 49.45 41.18
N ASP A 242 -34.65 50.18 40.13
CA ASP A 242 -35.80 49.29 40.01
C ASP A 242 -35.69 48.14 41.00
N GLY A 243 -36.62 48.09 41.96
CA GLY A 243 -36.54 47.11 43.02
C GLY A 243 -37.79 46.27 43.24
N THR A 244 -37.85 45.61 44.39
CA THR A 244 -38.90 44.67 44.77
C THR A 244 -38.85 43.43 43.89
N VAL A 245 -37.86 43.35 42.99
CA VAL A 245 -37.63 42.20 42.13
C VAL A 245 -36.13 42.02 42.06
N VAL A 246 -35.66 40.81 42.34
CA VAL A 246 -34.24 40.53 42.45
C VAL A 246 -33.95 39.16 41.86
N ASP A 247 -32.84 39.09 41.13
CA ASP A 247 -32.36 37.85 40.53
C ASP A 247 -31.45 37.13 41.51
N CYS A 248 -31.69 35.83 41.67
CA CYS A 248 -30.87 35.00 42.52
C CYS A 248 -29.44 35.00 42.02
N PRO A 249 -28.45 35.08 42.90
CA PRO A 249 -27.06 35.20 42.43
C PRO A 249 -26.48 33.92 41.82
N VAL A 250 -27.07 32.76 42.09
CA VAL A 250 -26.47 31.48 41.70
C VAL A 250 -27.22 30.81 40.55
N CYS A 251 -28.55 30.78 40.60
CA CYS A 251 -29.33 30.18 39.52
C CYS A 251 -30.07 31.21 38.68
N LYS A 252 -29.98 32.49 39.03
CA LYS A 252 -30.57 33.57 38.24
C LYS A 252 -32.05 33.32 37.95
N GLN A 253 -32.77 32.93 38.99
CA GLN A 253 -34.22 32.81 38.94
C GLN A 253 -34.84 34.08 39.54
N GLN A 254 -35.80 34.66 38.83
CA GLN A 254 -36.38 35.93 39.26
C GLN A 254 -37.30 35.70 40.45
N CYS A 255 -37.16 36.50 41.50
CA CYS A 255 -38.09 36.42 42.61
C CYS A 255 -38.29 37.82 43.19
N PHE A 256 -39.15 37.92 44.19
CA PHE A 256 -39.44 39.20 44.79
C PHE A 256 -38.51 39.48 45.97
N SER A 257 -38.16 40.75 46.14
CA SER A 257 -37.32 41.15 47.25
C SER A 257 -38.01 40.96 48.60
N LYS A 258 -39.31 40.63 48.59
CA LYS A 258 -40.05 40.37 49.82
C LYS A 258 -40.17 38.88 50.11
N ASP A 259 -40.19 38.03 49.08
CA ASP A 259 -40.27 36.59 49.30
C ASP A 259 -38.99 36.03 49.92
N ILE A 260 -37.88 36.77 49.87
CA ILE A 260 -36.65 36.31 50.49
C ILE A 260 -36.81 36.34 52.00
N VAL A 261 -36.43 35.25 52.67
CA VAL A 261 -36.48 35.18 54.12
C VAL A 261 -35.07 34.95 54.63
N GLU A 262 -34.75 35.53 55.77
CA GLU A 262 -33.46 35.24 56.40
C GLU A 262 -33.38 33.76 56.75
N ASN A 263 -32.20 33.18 56.57
CA ASN A 263 -31.99 31.76 56.87
C ASN A 263 -32.14 31.51 58.36
N TYR A 264 -33.37 31.20 58.79
CA TYR A 264 -33.66 30.94 60.20
C TYR A 264 -32.99 29.68 60.74
N PHE A 265 -32.25 28.97 59.91
CA PHE A 265 -31.75 27.63 60.26
C PHE A 265 -30.33 27.60 60.81
N MET A 266 -29.61 28.72 60.78
CA MET A 266 -28.16 28.68 60.98
C MET A 266 -27.63 29.31 62.27
N ARG A 267 -28.40 29.33 63.35
CA ARG A 267 -27.92 29.99 64.56
C ARG A 267 -27.19 29.05 65.52
N ASP A 268 -26.51 28.02 64.99
CA ASP A 268 -25.87 27.03 65.87
C ASP A 268 -24.76 27.66 66.70
N SER A 269 -23.98 28.56 66.10
CA SER A 269 -22.89 29.19 66.84
C SER A 269 -23.44 29.99 68.01
N GLY A 270 -22.71 29.96 69.13
CA GLY A 270 -23.13 30.71 70.30
C GLY A 270 -24.50 30.28 70.76
N SER A 271 -25.34 31.27 71.08
CA SER A 271 -26.70 31.01 71.53
C SER A 271 -27.57 30.51 70.38
N GLU A 335 -35.25 31.10 73.44
CA GLU A 335 -34.00 31.83 73.64
C GLU A 335 -33.58 32.54 72.35
N ARG A 336 -33.80 31.88 71.21
CA ARG A 336 -33.39 32.40 69.90
C ARG A 336 -34.60 32.37 68.97
N THR A 337 -35.61 33.17 69.29
CA THR A 337 -36.81 33.30 68.47
C THR A 337 -36.86 34.69 67.85
N VAL A 338 -37.18 34.75 66.55
CA VAL A 338 -37.30 36.02 65.85
C VAL A 338 -38.59 36.70 66.25
N TYR A 339 -38.57 38.03 66.20
CA TYR A 339 -39.72 38.82 66.63
C TYR A 339 -40.67 39.08 65.46
N CYS A 340 -41.88 39.52 65.78
CA CYS A 340 -42.91 39.74 64.78
C CYS A 340 -42.46 40.76 63.75
N ASN A 341 -43.22 40.82 62.65
CA ASN A 341 -42.87 41.69 61.52
C ASN A 341 -43.20 43.15 61.85
N VAL A 342 -44.48 43.46 62.04
CA VAL A 342 -44.87 44.84 62.32
C VAL A 342 -44.57 45.19 63.78
N HIS A 343 -44.72 44.24 64.69
CA HIS A 343 -44.49 44.45 66.12
C HIS A 343 -43.04 44.13 66.39
N LYS A 344 -42.23 45.17 66.58
CA LYS A 344 -40.79 44.96 66.66
C LYS A 344 -40.31 44.50 68.03
N HIS A 345 -41.18 43.95 68.89
CA HIS A 345 -40.75 43.64 70.26
C HIS A 345 -41.31 42.35 70.84
N GLU A 346 -42.37 41.76 70.29
CA GLU A 346 -42.96 40.57 70.88
C GLU A 346 -42.86 39.39 69.93
N PRO A 347 -42.31 38.26 70.35
CA PRO A 347 -41.94 37.20 69.41
C PRO A 347 -43.10 36.34 68.98
N LEU A 348 -42.89 35.64 67.87
CA LEU A 348 -43.88 34.71 67.33
C LEU A 348 -43.77 33.38 68.06
N VAL A 349 -44.81 33.02 68.81
CA VAL A 349 -44.85 31.76 69.54
C VAL A 349 -46.13 30.98 69.27
N LEU A 350 -47.02 31.49 68.43
CA LEU A 350 -48.33 30.92 68.19
C LEU A 350 -48.43 30.50 66.72
N PHE A 351 -49.21 29.46 66.45
CA PHE A 351 -49.38 28.96 65.09
C PHE A 351 -50.86 28.93 64.74
N CYS A 352 -51.25 29.75 63.77
CA CYS A 352 -52.63 29.84 63.31
C CYS A 352 -52.94 28.74 62.31
N GLU A 353 -53.97 27.94 62.61
CA GLU A 353 -54.46 26.98 61.64
C GLU A 353 -55.18 27.67 60.49
N SER A 354 -55.70 28.88 60.72
CA SER A 354 -56.38 29.63 59.68
C SER A 354 -55.47 29.85 58.47
N CYS A 355 -54.40 30.60 58.67
CA CYS A 355 -53.48 30.97 57.60
C CYS A 355 -52.28 30.04 57.47
N ASP A 356 -52.18 29.01 58.31
CA ASP A 356 -51.02 28.12 58.31
C ASP A 356 -49.74 28.88 58.64
N THR A 357 -49.89 30.04 59.29
CA THR A 357 -48.78 30.96 59.56
C THR A 357 -48.46 30.99 61.04
N LEU A 358 -47.17 30.86 61.37
CA LEU A 358 -46.71 31.07 62.73
C LEU A 358 -46.94 32.54 63.08
N THR A 359 -47.70 32.79 64.14
CA THR A 359 -48.19 34.13 64.43
C THR A 359 -47.83 34.54 65.86
N CYS A 360 -47.94 35.84 66.10
CA CYS A 360 -47.71 36.43 67.41
C CYS A 360 -49.05 36.68 68.11
N ARG A 361 -48.98 36.98 69.41
CA ARG A 361 -50.20 37.18 70.18
C ARG A 361 -50.90 38.49 69.82
N ASP A 362 -50.13 39.56 69.53
CA ASP A 362 -50.73 40.81 69.06
C ASP A 362 -51.48 40.58 67.75
N CYS A 363 -50.91 39.78 66.86
CA CYS A 363 -51.59 39.40 65.64
C CYS A 363 -52.78 38.49 65.90
N GLN A 364 -52.79 37.78 67.04
CA GLN A 364 -53.97 37.01 67.41
C GLN A 364 -55.08 37.94 67.89
N LEU A 365 -54.72 39.01 68.59
CA LEU A 365 -55.71 40.00 69.02
C LEU A 365 -56.33 40.70 67.82
N ASN A 366 -55.53 41.00 66.80
CA ASN A 366 -56.12 41.70 65.66
C ASN A 366 -56.68 40.79 64.57
N ALA A 367 -55.80 40.21 63.75
CA ALA A 367 -56.21 39.43 62.60
C ALA A 367 -56.95 38.15 62.96
N HIS A 368 -56.23 37.14 63.45
CA HIS A 368 -56.84 35.84 63.76
C HIS A 368 -57.64 35.94 65.06
N LYS A 369 -58.64 36.83 65.04
CA LYS A 369 -59.38 37.13 66.26
C LYS A 369 -60.14 35.91 66.76
N ASP A 370 -60.74 35.15 65.85
CA ASP A 370 -61.57 34.01 66.21
C ASP A 370 -61.11 32.72 65.54
N HIS A 371 -59.84 32.63 65.16
CA HIS A 371 -59.41 31.47 64.40
C HIS A 371 -59.16 30.27 65.30
N GLN A 372 -59.04 29.11 64.65
CA GLN A 372 -58.61 27.88 65.30
C GLN A 372 -57.09 27.84 65.35
N TYR A 373 -56.54 27.55 66.52
CA TYR A 373 -55.10 27.51 66.68
C TYR A 373 -54.64 26.07 66.89
N GLN A 374 -53.32 25.90 66.99
CA GLN A 374 -52.65 24.60 67.02
C GLN A 374 -51.53 24.68 68.06
N PHE A 375 -51.29 23.57 68.75
CA PHE A 375 -50.20 23.54 69.72
C PHE A 375 -48.86 23.59 69.00
N LEU A 376 -47.80 23.89 69.77
CA LEU A 376 -46.47 24.03 69.21
C LEU A 376 -45.98 22.72 68.60
N GLU A 377 -45.68 21.76 69.47
CA GLU A 377 -45.22 20.44 69.02
C GLU A 377 -46.21 19.81 68.06
N ASP A 378 -47.51 19.94 68.34
CA ASP A 378 -48.52 19.26 67.53
C ASP A 378 -48.49 19.74 66.09
N ALA A 379 -48.23 21.03 65.88
CA ALA A 379 -48.14 21.55 64.51
C ALA A 379 -46.80 21.23 63.87
N VAL A 380 -45.70 21.37 64.63
CA VAL A 380 -44.37 21.16 64.04
C VAL A 380 -44.21 19.71 63.60
N ARG A 381 -44.58 18.77 64.46
CA ARG A 381 -44.47 17.35 64.11
C ARG A 381 -45.31 17.01 62.90
N ASN A 382 -46.52 17.56 62.83
CA ASN A 382 -47.41 17.31 61.69
C ASN A 382 -46.77 17.79 60.38
N GLN A 383 -46.27 19.02 60.36
CA GLN A 383 -45.69 19.52 59.12
C GLN A 383 -44.39 18.78 58.77
N ARG A 384 -43.63 18.35 59.78
CA ARG A 384 -42.46 17.52 59.52
C ARG A 384 -42.86 16.22 58.84
N LYS A 385 -43.90 15.57 59.34
CA LYS A 385 -44.46 14.39 58.68
C LYS A 385 -44.77 14.67 57.21
N LEU A 386 -45.49 15.76 56.94
CA LEU A 386 -45.89 16.05 55.57
C LEU A 386 -44.66 16.21 54.66
N LEU A 387 -43.68 17.00 55.11
CA LEU A 387 -42.52 17.24 54.27
C LEU A 387 -41.67 15.99 54.09
N ALA A 388 -41.62 15.11 55.10
CA ALA A 388 -40.93 13.85 54.93
C ALA A 388 -41.60 13.00 53.85
N SER A 389 -42.93 13.00 53.83
CA SER A 389 -43.64 12.28 52.77
C SER A 389 -43.31 12.86 51.40
N LEU A 390 -43.27 14.18 51.30
CA LEU A 390 -42.98 14.81 50.01
C LEU A 390 -41.56 14.48 49.55
N VAL A 391 -40.60 14.48 50.48
CA VAL A 391 -39.23 14.16 50.07
C VAL A 391 -39.12 12.71 49.65
N LYS A 392 -39.90 11.82 50.26
CA LYS A 392 -39.94 10.43 49.80
C LYS A 392 -40.41 10.37 48.35
N ARG A 393 -41.50 11.07 48.04
CA ARG A 393 -42.03 11.04 46.68
C ARG A 393 -40.99 11.56 45.69
N LEU A 394 -40.36 12.69 46.03
CA LEU A 394 -39.41 13.30 45.10
C LEU A 394 -38.16 12.43 44.93
N GLY A 395 -37.70 11.80 46.02
CA GLY A 395 -36.55 10.91 45.90
C GLY A 395 -36.81 9.73 45.00
N ASP A 396 -37.99 9.10 45.12
CA ASP A 396 -38.31 8.00 44.23
C ASP A 396 -38.38 8.47 42.78
N LYS A 397 -39.04 9.61 42.54
CA LYS A 397 -39.14 10.13 41.17
C LYS A 397 -37.76 10.45 40.60
N HIS A 398 -36.86 10.97 41.45
CA HIS A 398 -35.51 11.31 41.01
C HIS A 398 -34.70 10.05 40.70
N ALA A 399 -34.89 8.99 41.48
CA ALA A 399 -34.21 7.73 41.18
C ALA A 399 -34.62 7.21 39.81
N THR A 400 -35.92 7.13 39.55
CA THR A 400 -36.36 6.68 38.23
C THR A 400 -35.90 7.64 37.13
N LEU A 401 -35.82 8.93 37.44
CA LEU A 401 -35.35 9.89 36.45
C LEU A 401 -33.90 9.62 36.05
N GLN A 402 -33.01 9.44 37.03
CA GLN A 402 -31.61 9.20 36.69
C GLN A 402 -31.45 7.84 36.01
N LYS A 403 -32.30 6.87 36.33
CA LYS A 403 -32.29 5.62 35.57
C LYS A 403 -32.62 5.87 34.11
N SER A 404 -33.67 6.66 33.85
CA SER A 404 -34.01 7.00 32.47
C SER A 404 -32.87 7.75 31.79
N THR A 405 -32.14 8.59 32.52
CA THR A 405 -31.03 9.32 31.93
C THR A 405 -29.94 8.36 31.46
N LYS A 406 -29.54 7.43 32.33
CA LYS A 406 -28.57 6.40 31.94
C LYS A 406 -29.05 5.65 30.71
N GLU A 407 -30.33 5.27 30.69
CA GLU A 407 -30.86 4.50 29.57
C GLU A 407 -30.85 5.31 28.28
N VAL A 408 -31.09 6.61 28.37
CA VAL A 408 -31.06 7.46 27.19
C VAL A 408 -29.65 7.57 26.65
N ARG A 409 -28.65 7.69 27.53
CA ARG A 409 -27.27 7.65 27.06
C ARG A 409 -27.00 6.34 26.35
N SER A 410 -27.51 5.23 26.89
CA SER A 410 -27.34 3.94 26.22
C SER A 410 -27.98 3.96 24.83
N SER A 411 -29.11 4.64 24.68
CA SER A 411 -29.79 4.67 23.38
C SER A 411 -29.01 5.52 22.37
N ILE A 412 -28.41 6.62 22.83
CA ILE A 412 -27.62 7.43 21.91
C ILE A 412 -26.33 6.69 21.53
N ARG A 413 -25.83 5.82 22.40
CA ARG A 413 -24.72 4.95 21.99
C ARG A 413 -25.20 3.93 20.96
N GLN A 414 -26.41 3.39 21.14
CA GLN A 414 -26.92 2.38 20.23
C GLN A 414 -27.14 2.93 18.83
N VAL A 415 -27.52 4.20 18.70
CA VAL A 415 -27.74 4.74 17.37
C VAL A 415 -26.41 4.89 16.63
N SER A 416 -25.34 5.26 17.34
CA SER A 416 -24.02 5.32 16.73
C SER A 416 -23.56 3.93 16.32
N ASP A 417 -23.83 2.92 17.16
CA ASP A 417 -23.50 1.55 16.78
C ASP A 417 -24.26 1.16 15.51
N VAL A 418 -25.51 1.60 15.40
CA VAL A 418 -26.31 1.33 14.20
C VAL A 418 -25.68 1.98 12.97
N GLN A 419 -25.21 3.22 13.12
CA GLN A 419 -24.56 3.91 12.00
C GLN A 419 -23.33 3.16 11.53
N LYS A 420 -22.47 2.78 12.48
CA LYS A 420 -21.28 1.99 12.13
C LYS A 420 -21.68 0.70 11.43
N ARG A 421 -22.72 0.04 11.95
CA ARG A 421 -23.19 -1.20 11.34
C ARG A 421 -23.57 -0.99 9.88
N VAL A 422 -24.37 0.05 9.62
CA VAL A 422 -24.83 0.28 8.25
C VAL A 422 -23.65 0.52 7.33
N GLN A 423 -22.74 1.42 7.72
CA GLN A 423 -21.65 1.76 6.82
C GLN A 423 -20.76 0.54 6.56
N VAL A 424 -20.48 -0.25 7.59
CA VAL A 424 -19.57 -1.37 7.41
C VAL A 424 -20.24 -2.49 6.61
N ASP A 425 -21.55 -2.70 6.78
CA ASP A 425 -22.22 -3.73 6.00
C ASP A 425 -22.29 -3.31 4.53
N VAL A 426 -22.50 -2.02 4.26
CA VAL A 426 -22.49 -1.55 2.87
C VAL A 426 -21.10 -1.76 2.26
N LYS A 427 -20.06 -1.34 2.99
CA LYS A 427 -18.69 -1.52 2.49
C LYS A 427 -18.39 -2.99 2.21
N MET A 428 -18.78 -3.88 3.12
CA MET A 428 -18.47 -5.30 2.95
C MET A 428 -19.24 -5.91 1.79
N ALA A 429 -20.50 -5.49 1.60
CA ALA A 429 -21.26 -5.97 0.45
C ALA A 429 -20.60 -5.52 -0.86
N ILE A 430 -20.21 -4.25 -0.93
CA ILE A 430 -19.57 -3.74 -2.14
C ILE A 430 -18.27 -4.50 -2.41
N LEU A 431 -17.49 -4.73 -1.36
CA LEU A 431 -16.24 -5.47 -1.51
C LEU A 431 -16.50 -6.91 -1.98
N GLN A 432 -17.58 -7.52 -1.51
CA GLN A 432 -17.88 -8.90 -1.89
C GLN A 432 -18.26 -9.00 -3.37
N ILE A 433 -19.10 -8.07 -3.84
CA ILE A 433 -19.44 -8.12 -5.25
C ILE A 433 -18.20 -7.85 -6.10
N MET A 434 -17.38 -6.87 -5.71
CA MET A 434 -16.16 -6.59 -6.46
C MET A 434 -15.21 -7.78 -6.41
N LYS A 435 -15.29 -8.59 -5.36
CA LYS A 435 -14.47 -9.79 -5.26
C LYS A 435 -14.88 -10.82 -6.31
N GLU A 436 -16.18 -11.16 -6.36
CA GLU A 436 -16.62 -12.11 -7.38
C GLU A 436 -16.42 -11.54 -8.79
N LEU A 437 -16.51 -10.23 -8.94
CA LEU A 437 -16.26 -9.58 -10.24
C LEU A 437 -14.80 -9.71 -10.64
N ASN A 438 -13.88 -9.51 -9.69
CA ASN A 438 -12.46 -9.71 -9.96
C ASN A 438 -12.18 -11.16 -10.34
N LYS A 439 -12.88 -12.10 -9.70
CA LYS A 439 -12.71 -13.51 -10.04
C LYS A 439 -13.13 -13.79 -11.47
N ARG A 440 -14.31 -13.30 -11.87
CA ARG A 440 -14.75 -13.50 -13.25
C ARG A 440 -13.78 -12.84 -14.23
N GLY A 441 -13.30 -11.64 -13.89
CA GLY A 441 -12.31 -10.98 -14.74
C GLY A 441 -11.05 -11.82 -14.89
N ARG A 442 -10.61 -12.46 -13.81
CA ARG A 442 -9.43 -13.30 -13.87
C ARG A 442 -9.66 -14.51 -14.76
N VAL A 443 -10.86 -15.09 -14.73
CA VAL A 443 -11.13 -16.24 -15.58
C VAL A 443 -11.19 -15.83 -17.06
N LEU A 444 -11.71 -14.64 -17.33
CA LEU A 444 -11.77 -14.19 -18.72
C LEU A 444 -10.37 -13.89 -19.24
N VAL A 445 -9.53 -13.26 -18.40
CA VAL A 445 -8.15 -13.03 -18.79
C VAL A 445 -7.41 -14.35 -18.99
N ASN A 446 -7.77 -15.38 -18.21
CA ASN A 446 -7.14 -16.69 -18.37
C ASN A 446 -7.49 -17.29 -19.73
N ASP A 447 -8.74 -17.11 -20.17
CA ASP A 447 -9.12 -17.63 -21.48
C ASP A 447 -8.41 -16.87 -22.61
N ALA A 448 -8.31 -15.54 -22.47
CA ALA A 448 -7.57 -14.77 -23.46
C ALA A 448 -6.10 -15.21 -23.51
N GLN A 449 -5.49 -15.42 -22.33
CA GLN A 449 -4.11 -15.88 -22.30
C GLN A 449 -3.98 -17.21 -23.02
N LYS A 450 -4.94 -18.12 -22.82
CA LYS A 450 -4.88 -19.42 -23.46
C LYS A 450 -4.86 -19.29 -24.98
N VAL A 451 -5.83 -18.56 -25.53
CA VAL A 451 -5.91 -18.46 -26.99
C VAL A 451 -4.66 -17.79 -27.55
N THR A 452 -4.18 -16.75 -26.86
CA THR A 452 -3.05 -15.99 -27.41
C THR A 452 -1.75 -16.78 -27.31
N GLU A 453 -1.54 -17.52 -26.22
CA GLU A 453 -0.34 -18.35 -26.12
C GLU A 453 -0.35 -19.46 -27.16
N GLY A 454 -1.52 -20.01 -27.48
CA GLY A 454 -1.57 -21.00 -28.55
C GLY A 454 -1.15 -20.41 -29.89
N GLN A 455 -1.74 -19.26 -30.25
CA GLN A 455 -1.38 -18.63 -31.52
C GLN A 455 0.10 -18.26 -31.53
N GLN A 456 0.64 -17.83 -30.38
CA GLN A 456 2.05 -17.47 -30.29
C GLN A 456 2.96 -18.68 -30.49
N GLU A 457 2.58 -19.84 -29.95
CA GLU A 457 3.38 -21.04 -30.19
C GLU A 457 3.41 -21.38 -31.67
N ARG A 458 2.24 -21.30 -32.33
CA ARG A 458 2.19 -21.62 -33.76
C ARG A 458 3.12 -20.68 -34.55
N LEU A 459 3.04 -19.38 -34.26
CA LEU A 459 3.85 -18.43 -35.02
C LEU A 459 5.33 -18.55 -34.68
N GLU A 460 5.67 -18.95 -33.44
CA GLU A 460 7.08 -19.09 -33.08
C GLU A 460 7.72 -20.28 -33.80
N ARG A 461 7.05 -21.43 -33.82
CA ARG A 461 7.64 -22.55 -34.57
C ARG A 461 7.70 -22.24 -36.07
N GLN A 462 6.67 -21.57 -36.62
CA GLN A 462 6.73 -21.18 -38.03
C GLN A 462 7.94 -20.28 -38.29
N HIS A 463 8.19 -19.33 -37.39
CA HIS A 463 9.35 -18.46 -37.54
C HIS A 463 10.66 -19.24 -37.43
N TRP A 464 10.69 -20.28 -36.61
CA TRP A 464 11.90 -21.11 -36.52
C TRP A 464 12.16 -21.80 -37.85
N THR A 465 11.13 -22.39 -38.45
CA THR A 465 11.34 -23.03 -39.76
C THR A 465 11.74 -21.98 -40.81
N MET A 466 11.24 -20.76 -40.69
CA MET A 466 11.64 -19.71 -41.65
C MET A 466 13.09 -19.32 -41.47
N THR A 467 13.58 -19.26 -40.22
CA THR A 467 15.00 -19.00 -40.01
C THR A 467 15.86 -20.12 -40.57
N LYS A 468 15.43 -21.37 -40.37
CA LYS A 468 16.12 -22.50 -40.99
C LYS A 468 16.25 -22.31 -42.50
N ILE A 469 15.13 -22.02 -43.16
CA ILE A 469 15.14 -21.84 -44.61
C ILE A 469 16.06 -20.69 -45.00
N GLN A 470 15.99 -19.57 -44.28
CA GLN A 470 16.82 -18.43 -44.60
C GLN A 470 18.31 -18.78 -44.55
N LYS A 471 18.72 -19.52 -43.52
CA LYS A 471 20.13 -19.87 -43.40
C LYS A 471 20.56 -20.84 -44.51
N HIS A 472 19.71 -21.81 -44.82
CA HIS A 472 20.05 -22.77 -45.87
C HIS A 472 20.12 -22.09 -47.24
N GLN A 473 19.25 -21.12 -47.47
CA GLN A 473 19.32 -20.33 -48.70
C GLN A 473 20.56 -19.47 -48.75
N GLU A 474 20.93 -18.83 -47.64
CA GLU A 474 22.14 -18.03 -47.62
C GLU A 474 23.36 -18.89 -47.91
N HIS A 475 23.37 -20.14 -47.42
CA HIS A 475 24.49 -21.01 -47.72
C HIS A 475 24.57 -21.32 -49.22
N ILE A 476 23.44 -21.77 -49.80
CA ILE A 476 23.44 -22.07 -51.23
C ILE A 476 23.87 -20.84 -52.03
N LEU A 477 23.39 -19.66 -51.64
CA LEU A 477 23.68 -18.44 -52.39
C LEU A 477 25.15 -18.04 -52.27
N ARG A 478 25.70 -18.14 -51.05
CA ARG A 478 27.11 -17.83 -50.87
C ARG A 478 27.97 -18.73 -51.74
N PHE A 479 27.66 -20.02 -51.77
CA PHE A 479 28.48 -20.93 -52.57
C PHE A 479 28.26 -20.75 -54.06
N ALA A 480 27.06 -20.33 -54.47
CA ALA A 480 26.80 -20.15 -55.91
C ALA A 480 27.26 -18.80 -56.41
N SER A 481 27.01 -17.72 -55.66
CA SER A 481 27.55 -16.41 -56.03
C SER A 481 29.07 -16.41 -56.09
N TRP A 482 29.70 -17.50 -55.62
CA TRP A 482 31.12 -17.75 -55.73
C TRP A 482 31.56 -18.18 -57.12
N ALA A 483 30.69 -18.06 -58.12
CA ALA A 483 31.04 -18.35 -59.50
C ALA A 483 31.91 -17.28 -60.13
N LEU A 484 32.28 -16.24 -59.39
CA LEU A 484 33.01 -15.13 -59.99
C LEU A 484 34.39 -15.56 -60.47
N GLU A 485 35.02 -16.50 -59.79
CA GLU A 485 36.34 -16.98 -60.22
C GLU A 485 36.20 -17.70 -61.55
N SER A 486 36.73 -17.09 -62.61
CA SER A 486 36.72 -17.74 -63.93
C SER A 486 37.47 -19.06 -63.83
N ASP A 487 36.78 -20.16 -64.11
CA ASP A 487 37.35 -21.48 -63.85
C ASP A 487 36.53 -22.54 -64.57
N ASN A 488 36.91 -23.79 -64.36
CA ASN A 488 36.10 -24.95 -64.75
C ASN A 488 35.12 -25.31 -63.65
N ASN A 489 34.36 -24.30 -63.19
CA ASN A 489 33.20 -24.58 -62.35
C ASN A 489 32.13 -25.34 -63.13
N THR A 490 32.16 -25.26 -64.46
CA THR A 490 31.24 -26.03 -65.28
C THR A 490 31.37 -27.52 -65.00
N ALA A 491 32.59 -28.02 -64.74
CA ALA A 491 32.78 -29.37 -64.21
C ALA A 491 32.12 -29.58 -62.83
N LEU A 492 31.29 -28.63 -62.38
CA LEU A 492 30.56 -28.74 -61.12
C LEU A 492 29.06 -28.45 -61.32
N LEU A 493 28.63 -28.27 -62.58
CA LEU A 493 27.27 -27.81 -62.86
C LEU A 493 26.24 -28.63 -62.08
N LEU A 494 26.32 -29.96 -62.18
CA LEU A 494 25.28 -30.80 -61.61
C LEU A 494 25.00 -30.41 -60.16
N SER A 495 26.04 -30.12 -59.38
CA SER A 495 25.79 -29.88 -57.96
C SER A 495 25.17 -28.50 -57.73
N LYS A 496 25.61 -27.51 -58.49
CA LYS A 496 25.15 -26.14 -58.25
C LYS A 496 23.68 -25.98 -58.60
N LYS A 497 23.22 -26.68 -59.65
CA LYS A 497 21.83 -26.53 -60.08
C LYS A 497 20.90 -27.34 -59.18
N LEU A 498 21.21 -28.63 -58.98
CA LEU A 498 20.29 -29.49 -58.23
C LEU A 498 20.00 -28.92 -56.84
N ILE A 499 20.95 -28.25 -56.23
CA ILE A 499 20.69 -27.60 -54.94
C ILE A 499 20.16 -26.19 -55.13
N TYR A 500 20.59 -25.49 -56.18
CA TYR A 500 20.04 -24.16 -56.45
C TYR A 500 18.54 -24.23 -56.73
N PHE A 501 18.08 -25.34 -57.31
CA PHE A 501 16.65 -25.47 -57.63
C PHE A 501 15.79 -25.71 -56.40
N GLN A 502 16.38 -25.91 -55.23
CA GLN A 502 15.59 -26.17 -54.03
C GLN A 502 14.98 -24.85 -53.55
N LEU A 503 13.71 -24.62 -53.91
CA LEU A 503 12.90 -23.47 -53.48
C LEU A 503 11.59 -24.00 -52.89
N HIS A 504 11.29 -23.66 -51.60
CA HIS A 504 10.26 -24.33 -50.78
C HIS A 504 9.72 -23.54 -49.57
N ARG A 505 8.38 -23.56 -49.53
CA ARG A 505 7.53 -23.84 -48.35
C ARG A 505 7.59 -22.76 -47.29
N ALA A 506 7.32 -21.52 -47.67
CA ALA A 506 6.71 -20.68 -46.63
C ALA A 506 5.25 -21.10 -46.26
N LEU A 507 5.06 -21.63 -45.02
CA LEU A 507 3.86 -22.45 -44.72
C LEU A 507 2.97 -21.72 -43.74
N LYS A 508 1.89 -21.15 -44.27
CA LYS A 508 1.19 -20.10 -43.56
C LYS A 508 0.22 -20.63 -42.49
N MET A 509 -0.41 -19.66 -41.82
CA MET A 509 -1.47 -19.90 -40.85
C MET A 509 -2.46 -18.73 -40.94
N ILE A 510 -3.65 -18.93 -40.36
CA ILE A 510 -4.65 -17.88 -40.37
C ILE A 510 -4.23 -16.74 -39.45
N VAL A 511 -4.40 -15.51 -39.92
CA VAL A 511 -4.25 -14.35 -39.04
C VAL A 511 -5.47 -14.29 -38.13
N ASP A 512 -5.25 -14.39 -36.83
CA ASP A 512 -6.36 -14.50 -35.90
C ASP A 512 -6.97 -13.12 -35.63
N PRO A 513 -8.31 -13.02 -35.60
CA PRO A 513 -8.93 -11.71 -35.36
C PRO A 513 -8.51 -11.13 -34.02
N VAL A 514 -8.39 -9.80 -33.98
CA VAL A 514 -8.01 -9.10 -32.76
C VAL A 514 -9.17 -9.16 -31.77
N GLU A 515 -8.84 -9.37 -30.50
CA GLU A 515 -9.86 -9.49 -29.46
C GLU A 515 -10.06 -8.17 -28.75
N PRO A 516 -11.23 -7.53 -28.84
CA PRO A 516 -11.50 -6.35 -28.02
C PRO A 516 -12.22 -6.67 -26.71
N HIS A 517 -12.89 -5.68 -26.13
CA HIS A 517 -13.48 -5.82 -24.81
C HIS A 517 -14.96 -6.19 -24.91
N GLY A 518 -15.78 -5.26 -25.38
CA GLY A 518 -17.19 -5.50 -25.56
C GLY A 518 -18.01 -5.51 -24.28
N GLU A 519 -17.76 -4.57 -23.39
CA GLU A 519 -18.57 -4.38 -22.18
C GLU A 519 -19.69 -3.37 -22.43
N MET A 520 -20.63 -3.33 -21.50
CA MET A 520 -21.78 -2.42 -21.57
C MET A 520 -21.78 -1.54 -20.32
N LYS A 521 -21.01 -0.46 -20.36
CA LYS A 521 -20.92 0.40 -19.19
C LYS A 521 -22.17 1.26 -18.98
N PHE A 522 -22.92 1.55 -20.05
CA PHE A 522 -24.17 2.29 -19.91
C PHE A 522 -25.12 1.56 -18.96
N GLN A 523 -25.55 0.36 -19.35
CA GLN A 523 -26.47 -0.42 -18.54
C GLN A 523 -25.88 -0.75 -17.17
N TRP A 524 -24.57 -0.96 -17.10
CA TRP A 524 -23.98 -1.40 -15.84
C TRP A 524 -23.80 -0.25 -14.86
N ASP A 525 -23.55 0.98 -15.33
CA ASP A 525 -23.55 2.12 -14.42
C ASP A 525 -24.97 2.48 -14.01
N LEU A 526 -25.96 2.17 -14.87
CA LEU A 526 -27.35 2.33 -14.43
C LEU A 526 -27.66 1.34 -13.30
N ASN A 527 -27.29 0.07 -13.47
CA ASN A 527 -27.53 -0.92 -12.43
C ASN A 527 -26.68 -0.66 -11.20
N ALA A 528 -25.53 0.02 -11.35
CA ALA A 528 -24.71 0.41 -10.22
C ALA A 528 -25.32 1.55 -9.42
N TRP A 529 -26.15 2.37 -10.06
CA TRP A 529 -26.68 3.57 -9.44
C TRP A 529 -28.00 3.36 -8.74
N THR A 530 -28.55 2.15 -8.73
CA THR A 530 -29.80 1.88 -8.03
C THR A 530 -29.67 0.64 -7.13
N LYS A 531 -28.50 0.46 -6.53
CA LYS A 531 -28.26 -0.72 -5.69
C LYS A 531 -28.77 -0.53 -4.27
N SER A 532 -29.02 0.70 -3.84
CA SER A 532 -29.19 1.01 -2.43
C SER A 532 -30.63 0.85 -1.98
N ALA A 533 -30.81 0.32 -0.77
CA ALA A 533 -32.12 0.21 -0.15
C ALA A 533 -32.22 1.16 1.04
N GLU A 534 -31.47 0.89 2.13
CA GLU A 534 -31.50 1.71 3.34
C GLU A 534 -32.81 1.55 4.10
N ALA A 535 -33.41 0.37 4.05
CA ALA A 535 -34.67 0.12 4.71
C ALA A 535 -34.53 0.28 6.22
N PHE A 536 -35.67 0.41 6.89
CA PHE A 536 -35.70 0.59 8.35
C PHE A 536 -36.22 -0.66 9.05
N ASN B 20 31.22 -6.08 -52.84
CA ASN B 20 31.18 -7.54 -52.56
C ASN B 20 29.87 -7.91 -51.87
N LEU B 21 29.30 -9.05 -52.27
CA LEU B 21 27.97 -9.45 -51.85
C LEU B 21 28.06 -10.38 -50.63
N TYR B 22 27.48 -9.95 -49.51
CA TYR B 22 27.62 -10.59 -48.21
C TYR B 22 26.28 -11.09 -47.69
N PHE B 23 26.29 -12.24 -47.00
CA PHE B 23 25.11 -12.95 -46.50
C PHE B 23 25.42 -13.45 -45.10
N GLN B 24 24.58 -13.10 -44.10
CA GLN B 24 24.86 -13.57 -42.74
C GLN B 24 23.64 -13.71 -41.81
N GLY B 25 23.84 -14.52 -40.79
CA GLY B 25 22.84 -14.76 -39.77
C GLY B 25 22.84 -13.70 -38.70
N ASN B 26 22.67 -14.15 -37.46
CA ASN B 26 22.49 -13.20 -36.38
C ASN B 26 23.45 -13.39 -35.20
N ILE B 27 23.09 -14.10 -34.12
CA ILE B 27 24.10 -14.03 -33.06
C ILE B 27 24.60 -15.37 -32.53
N PHE B 28 23.80 -16.40 -32.60
CA PHE B 28 24.26 -17.72 -32.26
C PHE B 28 25.30 -18.19 -33.26
N GLU B 29 25.05 -17.95 -34.54
CA GLU B 29 26.04 -18.16 -35.57
C GLU B 29 27.35 -17.52 -35.21
N MET B 30 27.36 -16.25 -34.83
CA MET B 30 28.64 -15.59 -34.68
C MET B 30 29.56 -16.33 -33.71
N LEU B 31 29.06 -16.85 -32.58
CA LEU B 31 29.85 -17.71 -31.68
C LEU B 31 30.23 -19.00 -32.40
N ARG B 32 29.39 -19.46 -33.32
CA ARG B 32 29.83 -20.64 -34.07
C ARG B 32 30.96 -20.34 -35.06
N ILE B 33 31.03 -19.11 -35.60
CA ILE B 33 32.07 -18.76 -36.57
C ILE B 33 33.38 -18.45 -35.86
N ASP B 34 33.32 -17.69 -34.76
CA ASP B 34 34.53 -17.30 -34.04
C ASP B 34 35.25 -18.54 -33.50
N GLU B 35 34.56 -19.38 -32.74
CA GLU B 35 35.15 -20.56 -32.15
C GLU B 35 34.84 -21.80 -32.98
N ARG B 36 35.75 -22.76 -32.93
CA ARG B 36 35.65 -24.00 -33.70
C ARG B 36 35.30 -25.16 -32.78
N LEU B 37 34.52 -26.09 -33.30
CA LEU B 37 34.04 -27.23 -32.52
C LEU B 37 35.09 -28.32 -32.45
N ARG B 38 35.49 -28.69 -31.23
CA ARG B 38 36.40 -29.80 -30.99
C ARG B 38 35.79 -30.64 -29.88
N LEU B 39 35.47 -31.89 -30.19
CA LEU B 39 34.89 -32.80 -29.20
C LEU B 39 35.93 -33.42 -28.28
N LYS B 40 37.22 -33.22 -28.55
CA LYS B 40 38.28 -33.74 -27.72
C LYS B 40 38.90 -32.61 -26.91
N ILE B 41 39.40 -32.93 -25.73
CA ILE B 41 40.06 -31.94 -24.89
C ILE B 41 41.28 -31.40 -25.63
N TYR B 42 41.44 -30.07 -25.61
CA TYR B 42 42.56 -29.47 -26.30
C TYR B 42 43.09 -28.26 -25.54
N LYS B 43 44.40 -28.05 -25.67
CA LYS B 43 45.08 -26.90 -25.09
C LYS B 43 45.35 -25.88 -26.19
N ASP B 44 44.98 -24.63 -25.95
CA ASP B 44 45.33 -23.57 -26.89
C ASP B 44 46.85 -23.40 -26.91
N THR B 45 47.36 -22.93 -28.06
CA THR B 45 48.80 -22.75 -28.21
C THR B 45 49.39 -21.86 -27.12
N GLU B 46 48.57 -21.04 -26.48
CA GLU B 46 49.02 -20.16 -25.41
C GLU B 46 48.01 -19.97 -24.31
N GLY B 47 46.88 -20.67 -24.34
CA GLY B 47 45.80 -20.40 -23.41
C GLY B 47 45.50 -21.50 -22.42
N TYR B 48 44.25 -21.57 -21.99
CA TYR B 48 43.78 -22.49 -20.98
C TYR B 48 43.23 -23.77 -21.62
N TYR B 49 43.03 -24.78 -20.78
CA TYR B 49 42.40 -26.01 -21.25
C TYR B 49 40.91 -25.77 -21.44
N THR B 50 40.43 -25.96 -22.66
CA THR B 50 39.03 -25.78 -23.01
C THR B 50 38.59 -26.99 -23.80
N ILE B 51 37.28 -27.10 -24.04
CA ILE B 51 36.75 -28.24 -24.78
C ILE B 51 35.42 -27.85 -25.42
N GLY B 52 34.97 -28.66 -26.37
CA GLY B 52 33.70 -28.37 -27.03
C GLY B 52 33.86 -27.17 -27.93
N ILE B 53 32.96 -26.20 -27.78
CA ILE B 53 33.01 -24.97 -28.56
C ILE B 53 33.28 -23.80 -27.61
N GLY B 54 34.52 -23.65 -27.20
CA GLY B 54 34.91 -22.55 -26.33
C GLY B 54 34.38 -22.63 -24.92
N HIS B 55 34.39 -23.82 -24.33
CA HIS B 55 33.99 -24.01 -22.95
C HIS B 55 35.24 -24.06 -22.07
N LEU B 56 35.37 -23.08 -21.17
CA LEU B 56 36.52 -23.00 -20.28
C LEU B 56 36.32 -23.99 -19.14
N LEU B 57 37.14 -25.04 -19.09
CA LEU B 57 37.06 -26.01 -18.00
C LEU B 57 37.74 -25.47 -16.74
N THR B 58 39.06 -25.35 -16.77
CA THR B 58 39.84 -24.91 -15.63
C THR B 58 41.13 -24.29 -16.14
N LYS B 59 41.79 -23.53 -15.27
CA LYS B 59 43.00 -22.81 -15.63
C LYS B 59 44.27 -23.48 -15.12
N SER B 60 44.16 -24.59 -14.42
CA SER B 60 45.34 -25.29 -13.93
C SER B 60 45.98 -26.11 -15.05
N PRO B 61 47.29 -26.37 -14.95
CA PRO B 61 47.94 -27.16 -16.01
C PRO B 61 47.59 -28.64 -15.96
N SER B 62 47.12 -29.15 -14.82
CA SER B 62 46.92 -30.58 -14.65
C SER B 62 45.78 -31.06 -15.54
N LEU B 63 46.02 -32.16 -16.26
CA LEU B 63 44.99 -32.69 -17.14
C LEU B 63 43.87 -33.32 -16.33
N ASN B 64 44.22 -33.99 -15.21
CA ASN B 64 43.21 -34.64 -14.39
C ASN B 64 42.19 -33.64 -13.84
N ALA B 65 42.65 -32.42 -13.51
CA ALA B 65 41.70 -31.38 -13.11
C ALA B 65 40.75 -31.03 -14.25
N ALA B 66 41.27 -30.99 -15.47
CA ALA B 66 40.42 -30.72 -16.62
C ALA B 66 39.39 -31.83 -16.82
N LYS B 67 39.80 -33.09 -16.65
CA LYS B 67 38.87 -34.20 -16.76
C LYS B 67 37.84 -34.18 -15.64
N SER B 68 38.22 -33.75 -14.44
CA SER B 68 37.27 -33.64 -13.34
C SER B 68 36.22 -32.58 -13.63
N GLU B 69 36.64 -31.41 -14.12
CA GLU B 69 35.68 -30.39 -14.51
C GLU B 69 34.82 -30.87 -15.69
N LEU B 70 35.41 -31.66 -16.59
CA LEU B 70 34.65 -32.23 -17.70
C LEU B 70 33.53 -33.12 -17.18
N ASP B 71 33.85 -34.04 -16.28
CA ASP B 71 32.85 -34.91 -15.69
C ASP B 71 31.86 -34.12 -14.83
N LYS B 72 32.26 -32.94 -14.34
CA LYS B 72 31.31 -32.08 -13.65
C LYS B 72 30.30 -31.50 -14.64
N ALA B 73 30.73 -31.21 -15.87
CA ALA B 73 29.81 -30.67 -16.85
C ALA B 73 28.93 -31.75 -17.48
N ILE B 74 29.50 -32.92 -17.75
CA ILE B 74 28.76 -33.98 -18.44
C ILE B 74 27.95 -34.83 -17.47
N GLY B 75 28.54 -35.20 -16.33
CA GLY B 75 27.90 -36.05 -15.36
C GLY B 75 28.33 -37.50 -15.43
N ARG B 76 28.98 -37.91 -16.51
CA ARG B 76 29.48 -39.26 -16.68
C ARG B 76 31.00 -39.19 -16.86
N ASN B 77 31.65 -40.34 -16.73
CA ASN B 77 33.07 -40.44 -17.06
C ASN B 77 33.23 -40.54 -18.57
N CYS B 78 33.89 -39.56 -19.17
CA CYS B 78 34.01 -39.48 -20.62
C CYS B 78 35.37 -39.94 -21.14
N ASN B 79 36.42 -39.83 -20.33
CA ASN B 79 37.79 -40.09 -20.76
C ASN B 79 38.27 -39.02 -21.73
N GLY B 80 37.76 -37.80 -21.59
CA GLY B 80 38.22 -36.69 -22.38
C GLY B 80 37.64 -36.59 -23.78
N VAL B 81 36.51 -37.25 -24.04
CA VAL B 81 35.87 -37.21 -25.34
C VAL B 81 34.38 -36.99 -25.13
N ILE B 82 33.80 -36.07 -25.89
CA ILE B 82 32.39 -35.75 -25.79
C ILE B 82 31.73 -36.03 -27.15
N THR B 83 30.41 -35.89 -27.17
CA THR B 83 29.64 -36.03 -28.40
C THR B 83 29.11 -34.67 -28.85
N LYS B 84 28.61 -34.63 -30.09
CA LYS B 84 28.22 -33.37 -30.70
C LYS B 84 27.03 -32.75 -29.98
N ASP B 85 25.99 -33.55 -29.72
CA ASP B 85 24.80 -33.02 -29.05
C ASP B 85 25.15 -32.50 -27.66
N GLU B 86 26.01 -33.21 -26.93
CA GLU B 86 26.41 -32.74 -25.61
C GLU B 86 27.22 -31.46 -25.70
N ALA B 87 28.08 -31.35 -26.71
CA ALA B 87 28.86 -30.12 -26.89
C ALA B 87 27.96 -28.94 -27.19
N GLU B 88 26.92 -29.13 -28.01
CA GLU B 88 26.03 -28.01 -28.31
C GLU B 88 25.09 -27.70 -27.15
N LYS B 89 24.73 -28.69 -26.34
CA LYS B 89 24.01 -28.41 -25.10
C LYS B 89 24.85 -27.55 -24.17
N LEU B 90 26.12 -27.91 -24.01
CA LEU B 90 27.03 -27.07 -23.21
C LEU B 90 27.19 -25.69 -23.84
N PHE B 91 27.16 -25.60 -25.17
CA PHE B 91 27.24 -24.31 -25.85
C PHE B 91 26.05 -23.42 -25.49
N ASN B 92 24.83 -23.97 -25.60
CA ASN B 92 23.65 -23.19 -25.22
C ASN B 92 23.71 -22.77 -23.76
N GLN B 93 24.17 -23.68 -22.90
CA GLN B 93 24.29 -23.35 -21.48
C GLN B 93 25.29 -22.22 -21.27
N ASP B 94 26.44 -22.27 -21.97
CA ASP B 94 27.46 -21.26 -21.76
C ASP B 94 27.01 -19.90 -22.26
N VAL B 95 26.33 -19.86 -23.41
CA VAL B 95 25.89 -18.57 -23.94
C VAL B 95 24.81 -17.96 -23.06
N ASP B 96 23.83 -18.78 -22.64
CA ASP B 96 22.79 -18.27 -21.76
C ASP B 96 23.36 -17.82 -20.42
N ALA B 97 24.36 -18.55 -19.89
CA ALA B 97 24.99 -18.14 -18.66
C ALA B 97 25.79 -16.85 -18.83
N ALA B 98 26.42 -16.64 -19.99
CA ALA B 98 27.12 -15.39 -20.24
C ALA B 98 26.16 -14.22 -20.27
N VAL B 99 25.01 -14.38 -20.93
CA VAL B 99 24.05 -13.29 -20.96
C VAL B 99 23.45 -13.07 -19.57
N ARG B 100 23.29 -14.14 -18.78
CA ARG B 100 22.83 -13.99 -17.41
C ARG B 100 23.83 -13.20 -16.59
N GLY B 101 25.13 -13.51 -16.72
CA GLY B 101 26.16 -12.76 -16.05
C GLY B 101 26.29 -11.33 -16.53
N ILE B 102 25.79 -11.04 -17.73
CA ILE B 102 25.75 -9.66 -18.21
C ILE B 102 24.62 -8.91 -17.52
N LEU B 103 23.39 -9.41 -17.61
CA LEU B 103 22.27 -8.70 -17.02
C LEU B 103 22.33 -8.67 -15.49
N ARG B 104 23.06 -9.60 -14.87
CA ARG B 104 23.21 -9.60 -13.42
C ARG B 104 24.24 -8.59 -12.95
N ASN B 105 25.29 -8.37 -13.72
CA ASN B 105 26.34 -7.43 -13.35
C ASN B 105 25.80 -6.01 -13.39
N ALA B 106 26.17 -5.22 -12.38
CA ALA B 106 25.59 -3.90 -12.19
C ALA B 106 26.38 -2.76 -12.83
N LYS B 107 27.53 -3.04 -13.45
CA LYS B 107 28.34 -1.98 -14.03
C LYS B 107 28.32 -1.98 -15.56
N LEU B 108 27.97 -3.10 -16.19
CA LEU B 108 27.94 -3.20 -17.64
C LEU B 108 26.53 -3.33 -18.20
N LYS B 109 25.52 -3.37 -17.34
CA LYS B 109 24.12 -3.45 -17.75
C LYS B 109 23.58 -2.14 -18.28
N PRO B 110 23.81 -1.00 -17.60
CA PRO B 110 23.29 0.26 -18.15
C PRO B 110 23.81 0.56 -19.54
N VAL B 111 25.09 0.27 -19.81
CA VAL B 111 25.62 0.42 -21.15
C VAL B 111 25.15 -0.70 -22.08
N TYR B 112 24.74 -1.84 -21.50
CA TYR B 112 24.22 -2.95 -22.31
C TYR B 112 22.83 -2.65 -22.84
N ASP B 113 22.01 -1.92 -22.07
CA ASP B 113 20.63 -1.67 -22.48
C ASP B 113 20.56 -0.69 -23.65
N SER B 114 21.46 0.29 -23.69
CA SER B 114 21.37 1.35 -24.69
C SER B 114 21.86 0.93 -26.08
N LEU B 115 22.32 -0.30 -26.25
CA LEU B 115 22.88 -0.73 -27.52
C LEU B 115 21.83 -1.45 -28.36
N ASP B 116 22.02 -1.41 -29.67
CA ASP B 116 21.20 -2.21 -30.58
C ASP B 116 21.57 -3.68 -30.47
N ALA B 117 20.78 -4.52 -31.13
CA ALA B 117 20.99 -5.97 -31.02
C ALA B 117 22.41 -6.36 -31.40
N VAL B 118 22.97 -5.76 -32.44
CA VAL B 118 24.26 -6.21 -32.97
C VAL B 118 25.39 -5.94 -31.97
N ARG B 119 25.46 -4.74 -31.43
CA ARG B 119 26.49 -4.47 -30.44
C ARG B 119 26.30 -5.23 -29.13
N ARG B 120 25.05 -5.44 -28.67
CA ARG B 120 24.83 -6.26 -27.48
C ARG B 120 25.41 -7.64 -27.70
N CYS B 121 25.06 -8.16 -28.89
CA CYS B 121 25.61 -9.33 -29.56
C CYS B 121 27.14 -9.43 -29.46
N ALA B 122 27.86 -8.39 -29.86
CA ALA B 122 29.32 -8.37 -29.77
C ALA B 122 29.76 -8.42 -28.32
N LEU B 123 29.07 -7.69 -27.45
CA LEU B 123 29.44 -7.70 -26.04
C LEU B 123 29.28 -9.08 -25.42
N ILE B 124 28.21 -9.81 -25.78
CA ILE B 124 28.04 -11.16 -25.27
C ILE B 124 29.21 -12.04 -25.73
N ASN B 125 29.65 -11.85 -26.98
CA ASN B 125 30.81 -12.58 -27.45
C ASN B 125 32.05 -12.27 -26.60
N MET B 126 32.27 -10.98 -26.34
CA MET B 126 33.47 -10.59 -25.60
C MET B 126 33.44 -11.19 -24.21
N VAL B 127 32.26 -11.17 -23.56
CA VAL B 127 32.13 -11.70 -22.21
C VAL B 127 32.29 -13.22 -22.23
N PHE B 128 31.72 -13.90 -23.24
CA PHE B 128 31.86 -15.34 -23.33
C PHE B 128 33.31 -15.74 -23.54
N GLN B 129 34.10 -14.92 -24.25
CA GLN B 129 35.50 -15.29 -24.41
C GLN B 129 36.31 -15.01 -23.15
N MET B 130 36.12 -13.87 -22.49
CA MET B 130 37.01 -13.53 -21.38
C MET B 130 36.36 -13.54 -20.00
N GLY B 131 35.03 -13.60 -19.92
CA GLY B 131 34.36 -13.54 -18.64
C GLY B 131 33.91 -12.14 -18.30
N GLU B 132 32.88 -12.05 -17.46
CA GLU B 132 32.32 -10.75 -17.12
C GLU B 132 33.33 -9.90 -16.37
N THR B 133 34.13 -10.53 -15.49
CA THR B 133 35.14 -9.77 -14.76
C THR B 133 36.28 -9.32 -15.67
N GLY B 134 36.55 -10.07 -16.74
CA GLY B 134 37.58 -9.64 -17.68
C GLY B 134 37.18 -8.40 -18.45
N VAL B 135 35.92 -8.35 -18.89
CA VAL B 135 35.44 -7.19 -19.63
C VAL B 135 35.09 -6.03 -18.70
N ALA B 136 34.89 -6.31 -17.41
CA ALA B 136 34.64 -5.24 -16.45
C ALA B 136 35.86 -4.34 -16.22
N GLY B 137 37.05 -4.76 -16.68
CA GLY B 137 38.24 -3.94 -16.51
C GLY B 137 38.39 -2.82 -17.50
N PHE B 138 37.75 -2.93 -18.66
CA PHE B 138 37.85 -1.98 -19.77
C PHE B 138 36.89 -0.81 -19.54
N THR B 139 37.22 0.02 -18.55
CA THR B 139 36.28 1.05 -18.13
C THR B 139 36.15 2.15 -19.18
N ASN B 140 37.27 2.76 -19.56
CA ASN B 140 37.19 3.98 -20.36
C ASN B 140 36.70 3.71 -21.80
N SER B 141 37.01 2.54 -22.37
CA SER B 141 36.47 2.18 -23.69
C SER B 141 34.96 2.01 -23.61
N LEU B 142 34.47 1.40 -22.52
CA LEU B 142 33.03 1.30 -22.32
C LEU B 142 32.39 2.68 -22.09
N ARG B 143 33.07 3.57 -21.36
CA ARG B 143 32.55 4.91 -21.15
C ARG B 143 32.44 5.67 -22.45
N MET B 144 33.33 5.39 -23.39
CA MET B 144 33.23 6.02 -24.69
C MET B 144 32.20 5.35 -25.60
N LEU B 145 31.93 4.06 -25.39
CA LEU B 145 31.01 3.32 -26.26
C LEU B 145 29.54 3.61 -25.93
N GLN B 146 29.22 3.75 -24.63
CA GLN B 146 27.83 3.99 -24.24
C GLN B 146 27.29 5.26 -24.88
N GLN B 147 28.13 6.28 -25.00
CA GLN B 147 27.72 7.61 -25.45
C GLN B 147 27.83 7.80 -26.95
N LYS B 148 27.95 6.72 -27.72
CA LYS B 148 27.95 6.78 -29.18
C LYS B 148 29.25 7.35 -29.74
N ARG B 149 30.35 7.19 -29.00
CA ARG B 149 31.69 7.55 -29.47
C ARG B 149 32.41 6.27 -29.88
N TRP B 150 32.29 5.90 -31.16
CA TRP B 150 32.69 4.56 -31.59
C TRP B 150 34.20 4.43 -31.81
N ASP B 151 34.78 5.33 -32.62
CA ASP B 151 36.16 5.15 -33.07
C ASP B 151 37.15 5.22 -31.93
N GLU B 152 36.94 6.13 -30.98
CA GLU B 152 37.81 6.20 -29.82
C GLU B 152 37.80 4.86 -29.08
N ALA B 153 36.61 4.28 -28.94
CA ALA B 153 36.50 2.98 -28.30
C ALA B 153 37.24 1.92 -29.09
N ALA B 154 37.13 1.91 -30.41
CA ALA B 154 37.83 0.90 -31.21
C ALA B 154 39.33 0.97 -30.98
N VAL B 155 39.91 2.16 -31.13
CA VAL B 155 41.36 2.28 -31.01
C VAL B 155 41.81 1.98 -29.59
N ASN B 156 41.01 2.35 -28.58
CA ASN B 156 41.36 2.05 -27.20
C ASN B 156 41.26 0.55 -26.91
N LEU B 157 40.32 -0.13 -27.56
CA LEU B 157 40.18 -1.58 -27.39
C LEU B 157 41.32 -2.33 -28.05
N ALA B 158 41.90 -1.76 -29.11
CA ALA B 158 42.99 -2.46 -29.79
C ALA B 158 44.17 -2.71 -28.86
N LYS B 159 44.43 -1.81 -27.92
CA LYS B 159 45.56 -1.96 -27.00
C LYS B 159 45.10 -2.72 -25.77
N SER B 160 45.11 -4.05 -25.86
CA SER B 160 44.77 -4.92 -24.74
C SER B 160 45.36 -6.29 -25.00
N ILE B 161 45.57 -7.05 -23.91
CA ILE B 161 46.07 -8.41 -24.02
C ILE B 161 45.16 -9.27 -24.89
N TRP B 162 43.84 -9.05 -24.76
CA TRP B 162 42.87 -9.77 -25.57
C TRP B 162 43.15 -9.59 -27.05
N TYR B 163 43.70 -8.44 -27.44
CA TYR B 163 44.03 -8.19 -28.82
C TYR B 163 45.31 -8.91 -29.23
N ASN B 164 46.28 -9.00 -28.31
CA ASN B 164 47.56 -9.61 -28.65
C ASN B 164 47.50 -11.14 -28.66
N GLN B 165 46.63 -11.76 -27.86
CA GLN B 165 46.60 -13.22 -27.86
C GLN B 165 45.92 -13.75 -29.12
N THR B 166 44.68 -13.30 -29.38
CA THR B 166 43.89 -13.74 -30.52
C THR B 166 43.54 -12.52 -31.36
N PRO B 167 44.48 -12.02 -32.17
CA PRO B 167 44.22 -10.78 -32.90
C PRO B 167 43.12 -10.89 -33.94
N ASN B 168 42.93 -12.06 -34.55
CA ASN B 168 41.89 -12.23 -35.56
C ASN B 168 40.51 -12.01 -34.96
N ARG B 169 40.18 -12.74 -33.89
CA ARG B 169 38.87 -12.60 -33.27
C ARG B 169 38.68 -11.19 -32.71
N ALA B 170 39.73 -10.61 -32.14
CA ALA B 170 39.63 -9.27 -31.57
C ALA B 170 39.33 -8.25 -32.66
N LYS B 171 40.05 -8.32 -33.78
CA LYS B 171 39.80 -7.38 -34.87
C LYS B 171 38.39 -7.55 -35.41
N ARG B 172 37.90 -8.80 -35.49
CA ARG B 172 36.57 -9.02 -36.02
C ARG B 172 35.51 -8.43 -35.09
N VAL B 173 35.66 -8.64 -33.78
CA VAL B 173 34.67 -8.12 -32.84
C VAL B 173 34.71 -6.59 -32.80
N ILE B 174 35.91 -6.01 -32.90
CA ILE B 174 36.02 -4.56 -32.91
C ILE B 174 35.37 -4.00 -34.17
N THR B 175 35.53 -4.67 -35.31
CA THR B 175 34.88 -4.22 -36.54
C THR B 175 33.36 -4.31 -36.42
N THR B 176 32.85 -5.38 -35.80
CA THR B 176 31.41 -5.49 -35.64
C THR B 176 30.88 -4.42 -34.69
N PHE B 177 31.68 -4.02 -33.70
CA PHE B 177 31.28 -2.87 -32.88
C PHE B 177 31.27 -1.60 -33.72
N ARG B 178 32.26 -1.43 -34.59
CA ARG B 178 32.36 -0.22 -35.39
C ARG B 178 31.17 -0.07 -36.34
N THR B 179 30.82 -1.14 -37.05
CA THR B 179 29.91 -1.01 -38.18
C THR B 179 28.44 -1.10 -37.80
N GLY B 180 28.10 -1.86 -36.77
CA GLY B 180 26.70 -2.11 -36.48
C GLY B 180 26.03 -3.04 -37.46
N THR B 181 26.80 -3.81 -38.23
CA THR B 181 26.29 -4.82 -39.14
C THR B 181 27.11 -6.08 -38.95
N TRP B 182 26.56 -7.22 -39.40
CA TRP B 182 27.24 -8.52 -39.35
C TRP B 182 28.18 -8.74 -40.53
N ASP B 183 28.38 -7.73 -41.40
CA ASP B 183 29.17 -7.96 -42.60
C ASP B 183 30.57 -8.45 -42.27
N ALA B 184 31.17 -7.95 -41.18
CA ALA B 184 32.53 -8.34 -40.87
C ALA B 184 32.63 -9.85 -40.65
N TYR B 185 31.54 -10.46 -40.20
CA TYR B 185 31.50 -11.90 -40.13
C TYR B 185 31.01 -12.54 -41.42
N ALA B 186 30.12 -11.89 -42.18
CA ALA B 186 29.71 -12.41 -43.47
C ALA B 186 30.92 -12.62 -44.39
N ALA B 187 31.78 -11.61 -44.45
CA ALA B 187 33.02 -11.72 -45.19
C ALA B 187 33.81 -12.94 -44.72
N GLU B 188 33.95 -13.10 -43.41
CA GLU B 188 34.62 -14.29 -42.89
C GLU B 188 33.92 -15.58 -43.29
N ALA B 189 32.58 -15.58 -43.32
CA ALA B 189 31.82 -16.76 -43.75
C ALA B 189 32.21 -17.13 -45.17
N LEU B 190 32.38 -16.12 -46.00
CA LEU B 190 32.82 -16.36 -47.35
C LEU B 190 34.27 -16.81 -47.38
N GLU B 191 35.12 -16.25 -46.51
CA GLU B 191 36.53 -16.68 -46.45
C GLU B 191 36.64 -18.14 -46.03
N LEU B 192 36.00 -18.49 -44.91
CA LEU B 192 35.91 -19.86 -44.44
C LEU B 192 35.25 -20.77 -45.48
N LEU B 193 34.60 -20.21 -46.48
CA LEU B 193 34.14 -21.06 -47.58
C LEU B 193 35.30 -21.78 -48.28
N GLU B 194 36.54 -21.31 -48.15
CA GLU B 194 37.71 -22.01 -48.72
C GLU B 194 38.35 -22.98 -47.73
N HIS B 195 37.72 -23.21 -46.59
CA HIS B 195 38.21 -24.10 -45.54
C HIS B 195 37.19 -25.21 -45.29
N CYS B 196 37.69 -26.37 -44.90
CA CYS B 196 36.83 -27.51 -44.63
C CYS B 196 35.98 -27.26 -43.39
N GLY B 197 34.77 -27.83 -43.42
CA GLY B 197 33.83 -27.65 -42.34
C GLY B 197 34.07 -28.49 -41.09
N VAL B 198 35.20 -29.19 -41.02
CA VAL B 198 35.47 -30.05 -39.88
C VAL B 198 36.66 -29.49 -39.10
N CYS B 199 37.85 -29.53 -39.71
CA CYS B 199 39.05 -29.02 -39.05
C CYS B 199 39.37 -27.59 -39.47
N ARG B 200 38.54 -26.97 -40.30
CA ARG B 200 38.64 -25.54 -40.63
C ARG B 200 40.05 -25.17 -41.07
N GLU B 201 40.74 -26.10 -41.72
CA GLU B 201 42.03 -25.84 -42.34
C GLU B 201 41.82 -25.42 -43.79
N ARG B 202 42.81 -24.74 -44.34
CA ARG B 202 42.68 -24.24 -45.71
C ARG B 202 42.77 -25.42 -46.67
N LEU B 203 41.69 -25.63 -47.44
CA LEU B 203 41.67 -26.74 -48.41
C LEU B 203 42.47 -26.29 -49.64
N ARG B 204 43.81 -26.21 -49.48
CA ARG B 204 44.73 -26.18 -50.62
C ARG B 204 45.25 -27.61 -50.93
N PRO B 205 45.35 -28.03 -52.21
CA PRO B 205 45.40 -29.49 -52.49
C PRO B 205 46.66 -30.20 -52.00
N GLU B 206 46.76 -30.40 -50.69
CA GLU B 206 47.72 -31.32 -50.04
C GLU B 206 46.98 -32.51 -49.51
N ARG B 207 45.98 -32.24 -48.63
CA ARG B 207 44.85 -33.11 -48.33
C ARG B 207 43.72 -32.99 -49.38
N GLU B 208 43.31 -34.09 -49.97
CA GLU B 208 42.54 -33.91 -51.20
C GLU B 208 41.16 -33.33 -50.86
N PRO B 209 40.85 -32.12 -51.33
CA PRO B 209 39.55 -31.51 -51.04
C PRO B 209 38.42 -32.28 -51.72
N ARG B 210 37.29 -32.30 -51.04
CA ARG B 210 36.07 -32.91 -51.54
C ARG B 210 34.91 -31.94 -51.32
N LEU B 211 33.99 -31.96 -52.28
CA LEU B 211 32.81 -31.10 -52.28
C LEU B 211 31.59 -32.00 -52.40
N LEU B 212 30.81 -32.09 -51.34
CA LEU B 212 29.62 -32.93 -51.34
C LEU B 212 28.47 -32.21 -52.03
N PRO B 213 27.43 -32.95 -52.43
CA PRO B 213 26.29 -32.31 -53.10
C PRO B 213 25.61 -31.24 -52.26
N CYS B 214 25.77 -31.27 -50.94
CA CYS B 214 25.25 -30.20 -50.07
C CYS B 214 26.03 -28.90 -50.20
N LEU B 215 27.00 -28.84 -51.11
CA LEU B 215 27.81 -27.65 -51.36
C LEU B 215 28.71 -27.31 -50.17
N HIS B 216 28.92 -28.25 -49.27
CA HIS B 216 29.95 -28.12 -48.26
C HIS B 216 31.24 -28.75 -48.79
N SER B 217 32.37 -28.34 -48.21
CA SER B 217 33.68 -28.83 -48.60
C SER B 217 34.40 -29.40 -47.39
N ALA B 218 35.16 -30.47 -47.61
CA ALA B 218 35.86 -31.13 -46.52
C ALA B 218 37.17 -31.69 -47.04
N CYS B 219 37.97 -32.23 -46.12
CA CYS B 219 39.21 -32.92 -46.45
C CYS B 219 38.92 -34.39 -46.74
N SER B 220 39.87 -35.04 -47.40
CA SER B 220 39.72 -36.47 -47.63
C SER B 220 39.81 -37.27 -46.35
N ALA B 221 40.42 -36.71 -45.31
CA ALA B 221 40.55 -37.40 -44.04
C ALA B 221 39.43 -37.04 -43.08
N CYS B 222 38.73 -35.93 -43.32
CA CYS B 222 37.66 -35.47 -42.44
C CYS B 222 36.30 -36.00 -42.86
N LEU B 223 36.25 -37.14 -43.54
CA LEU B 223 35.00 -37.71 -44.00
C LEU B 223 34.57 -38.91 -43.17
N GLY B 224 35.18 -39.14 -42.01
CA GLY B 224 34.77 -40.21 -41.14
C GLY B 224 35.57 -41.47 -41.40
N PRO B 225 34.89 -42.61 -41.44
CA PRO B 225 35.55 -43.85 -41.91
C PRO B 225 35.92 -43.76 -43.38
N ALA B 226 34.93 -43.50 -44.24
CA ALA B 226 35.15 -43.41 -45.68
C ALA B 226 35.79 -44.68 -46.22
N ALA B 239 29.88 -59.46 -48.62
CA ALA B 239 29.74 -58.01 -48.54
C ALA B 239 29.10 -57.43 -49.80
N ALA B 240 27.78 -57.23 -49.75
CA ALA B 240 27.09 -56.63 -50.89
C ALA B 240 27.44 -55.16 -51.01
N GLY B 241 27.41 -54.45 -49.90
CA GLY B 241 27.60 -53.02 -49.81
C GLY B 241 28.57 -52.62 -48.72
N ASP B 242 29.73 -52.07 -49.09
CA ASP B 242 30.69 -51.48 -48.15
C ASP B 242 30.43 -50.00 -47.84
N GLY B 243 30.30 -49.14 -48.83
CA GLY B 243 30.02 -47.71 -48.72
C GLY B 243 28.83 -47.39 -49.59
N THR B 244 29.09 -46.45 -50.48
CA THR B 244 28.12 -45.87 -51.38
C THR B 244 27.14 -44.99 -50.63
N VAL B 245 27.29 -44.80 -49.33
CA VAL B 245 26.44 -43.89 -48.56
C VAL B 245 27.29 -43.19 -47.51
N VAL B 246 27.22 -41.87 -47.46
CA VAL B 246 28.06 -41.09 -46.56
C VAL B 246 27.27 -39.89 -46.06
N ASP B 247 27.38 -39.65 -44.75
CA ASP B 247 26.73 -38.52 -44.10
C ASP B 247 27.67 -37.31 -44.16
N CYS B 248 27.14 -36.16 -44.57
CA CYS B 248 27.96 -34.95 -44.59
C CYS B 248 28.40 -34.64 -43.16
N PRO B 249 29.66 -34.26 -42.96
CA PRO B 249 30.15 -34.08 -41.57
C PRO B 249 29.58 -32.85 -40.89
N VAL B 250 29.03 -31.88 -41.63
CA VAL B 250 28.62 -30.61 -41.05
C VAL B 250 27.11 -30.50 -40.96
N CYS B 251 26.38 -30.89 -42.02
CA CYS B 251 24.92 -30.82 -42.02
C CYS B 251 24.26 -32.20 -41.95
N LYS B 252 25.04 -33.28 -42.00
CA LYS B 252 24.52 -34.63 -41.84
C LYS B 252 23.33 -34.88 -42.75
N GLN B 253 23.46 -34.46 -44.01
CA GLN B 253 22.52 -34.82 -45.07
C GLN B 253 23.12 -35.96 -45.88
N GLN B 254 22.36 -37.03 -46.03
CA GLN B 254 22.86 -38.21 -46.73
C GLN B 254 23.01 -37.93 -48.23
N CYS B 255 24.15 -38.37 -48.78
CA CYS B 255 24.38 -38.33 -50.22
C CYS B 255 25.12 -39.60 -50.62
N PHE B 256 25.33 -39.77 -51.92
CA PHE B 256 25.99 -40.96 -52.44
C PHE B 256 27.49 -40.71 -52.60
N SER B 257 28.28 -41.78 -52.42
CA SER B 257 29.72 -41.65 -52.52
C SER B 257 30.17 -41.30 -53.94
N LYS B 258 29.37 -41.64 -54.95
CA LYS B 258 29.76 -41.31 -56.31
C LYS B 258 29.45 -39.86 -56.67
N ASP B 259 28.48 -39.25 -55.99
CA ASP B 259 28.09 -37.89 -56.32
C ASP B 259 29.08 -36.86 -55.81
N ILE B 260 29.93 -37.21 -54.84
CA ILE B 260 30.94 -36.28 -54.37
C ILE B 260 32.02 -36.13 -55.43
N VAL B 261 32.38 -34.89 -55.73
CA VAL B 261 33.46 -34.58 -56.64
C VAL B 261 34.53 -33.79 -55.89
N GLU B 262 35.78 -33.97 -56.29
CA GLU B 262 36.86 -33.20 -55.69
C GLU B 262 36.59 -31.72 -55.92
N ASN B 263 36.87 -30.91 -54.90
CA ASN B 263 36.68 -29.47 -55.04
C ASN B 263 37.67 -28.98 -56.09
N TYR B 264 37.27 -29.01 -57.36
CA TYR B 264 38.14 -28.53 -58.44
C TYR B 264 38.41 -27.03 -58.36
N PHE B 265 37.96 -26.34 -57.30
CA PHE B 265 38.08 -24.89 -57.26
C PHE B 265 39.35 -24.41 -56.57
N MET B 266 40.03 -25.28 -55.82
CA MET B 266 41.14 -24.88 -54.97
C MET B 266 42.46 -25.11 -55.69
N ARG B 267 42.44 -25.01 -57.01
CA ARG B 267 43.50 -25.55 -57.83
C ARG B 267 44.71 -24.63 -57.92
N ASP B 268 44.50 -23.32 -57.89
CA ASP B 268 45.62 -22.41 -58.03
C ASP B 268 45.46 -21.25 -57.06
N SER B 269 46.58 -20.54 -56.85
CA SER B 269 46.69 -19.45 -55.89
C SER B 269 46.85 -20.01 -54.48
N GLU B 335 47.39 -24.76 -62.01
CA GLU B 335 46.83 -24.21 -63.24
C GLU B 335 45.31 -24.31 -63.25
N ARG B 336 44.69 -23.60 -64.20
CA ARG B 336 43.23 -23.63 -64.31
C ARG B 336 42.76 -24.93 -64.96
N THR B 337 43.28 -25.23 -66.15
CA THR B 337 42.75 -26.34 -66.94
C THR B 337 43.17 -27.68 -66.34
N VAL B 338 42.20 -28.57 -66.15
CA VAL B 338 42.45 -29.89 -65.61
C VAL B 338 42.65 -30.87 -66.76
N TYR B 339 43.43 -31.91 -66.51
CA TYR B 339 43.65 -32.95 -67.49
C TYR B 339 42.55 -34.01 -67.41
N CYS B 340 42.35 -34.73 -68.52
CA CYS B 340 41.28 -35.72 -68.60
C CYS B 340 41.57 -36.88 -67.65
N ASN B 341 40.54 -37.69 -67.40
CA ASN B 341 40.64 -38.79 -66.43
C ASN B 341 41.39 -39.97 -67.03
N VAL B 342 40.81 -40.57 -68.08
CA VAL B 342 41.36 -41.71 -68.79
C VAL B 342 42.51 -41.30 -69.68
N HIS B 343 42.41 -40.13 -70.29
CA HIS B 343 43.45 -39.61 -71.15
C HIS B 343 44.37 -38.72 -70.33
N LYS B 344 45.53 -39.28 -69.97
CA LYS B 344 46.51 -38.54 -69.21
C LYS B 344 47.21 -37.51 -70.09
N HIS B 345 47.66 -36.44 -69.45
CA HIS B 345 48.28 -35.29 -70.11
C HIS B 345 47.58 -34.96 -71.43
N GLU B 346 46.28 -34.68 -71.30
CA GLU B 346 45.46 -34.30 -72.44
C GLU B 346 44.24 -33.51 -71.94
N PRO B 347 44.29 -32.19 -71.98
CA PRO B 347 43.25 -31.40 -71.30
C PRO B 347 41.89 -31.53 -71.95
N LEU B 348 40.85 -31.39 -71.13
CA LEU B 348 39.48 -31.42 -71.59
C LEU B 348 39.11 -30.07 -72.20
N VAL B 349 38.27 -30.10 -73.24
CA VAL B 349 37.95 -28.85 -73.92
C VAL B 349 36.64 -28.93 -74.67
N LEU B 350 35.89 -29.99 -74.49
CA LEU B 350 34.58 -30.15 -75.11
C LEU B 350 33.57 -30.55 -74.06
N PHE B 351 32.30 -30.21 -74.32
CA PHE B 351 31.19 -30.50 -73.43
C PHE B 351 30.19 -31.36 -74.18
N CYS B 352 30.06 -32.61 -73.75
CA CYS B 352 29.12 -33.55 -74.36
C CYS B 352 27.74 -33.30 -73.78
N GLU B 353 26.79 -32.91 -74.64
CA GLU B 353 25.41 -32.74 -74.19
C GLU B 353 24.71 -34.08 -73.97
N SER B 354 25.12 -35.11 -74.71
CA SER B 354 24.55 -36.44 -74.51
C SER B 354 24.80 -36.91 -73.07
N CYS B 355 26.06 -36.99 -72.68
CA CYS B 355 26.41 -37.45 -71.34
C CYS B 355 26.49 -36.32 -70.34
N ASP B 356 26.34 -35.07 -70.78
CA ASP B 356 26.40 -33.90 -69.91
C ASP B 356 27.73 -33.80 -69.18
N THR B 357 28.76 -34.49 -69.67
CA THR B 357 30.06 -34.56 -69.01
C THR B 357 31.08 -33.78 -69.82
N LEU B 358 31.82 -32.91 -69.14
CA LEU B 358 32.91 -32.20 -69.79
C LEU B 358 33.99 -33.19 -70.22
N THR B 359 34.31 -33.17 -71.51
CA THR B 359 35.09 -34.23 -72.13
C THR B 359 36.35 -33.71 -72.80
N CYS B 360 37.22 -34.67 -73.12
CA CYS B 360 38.49 -34.44 -73.79
C CYS B 360 38.34 -34.71 -75.29
N ARG B 361 39.38 -34.38 -76.05
CA ARG B 361 39.37 -34.57 -77.50
C ARG B 361 39.19 -36.05 -77.86
N ASP B 362 40.17 -36.87 -77.50
CA ASP B 362 40.15 -38.29 -77.83
C ASP B 362 38.90 -38.96 -77.31
N CYS B 363 38.33 -38.46 -76.21
CA CYS B 363 37.17 -39.11 -75.61
C CYS B 363 35.93 -38.91 -76.47
N GLN B 364 35.69 -37.69 -76.92
CA GLN B 364 34.50 -37.41 -77.74
C GLN B 364 34.68 -37.85 -79.17
N LEU B 365 35.88 -38.24 -79.59
CA LEU B 365 35.96 -38.97 -80.85
C LEU B 365 35.88 -40.50 -80.72
N ASN B 366 36.40 -41.10 -79.64
CA ASN B 366 36.27 -42.56 -79.46
C ASN B 366 34.99 -42.90 -78.70
N ALA B 367 34.96 -42.59 -77.40
CA ALA B 367 33.84 -42.94 -76.54
C ALA B 367 32.58 -42.24 -77.04
N HIS B 368 32.49 -40.92 -76.83
CA HIS B 368 31.33 -40.16 -77.27
C HIS B 368 31.40 -39.95 -78.78
N LYS B 369 31.44 -41.07 -79.50
CA LYS B 369 31.73 -41.03 -80.93
C LYS B 369 30.67 -40.26 -81.72
N ASP B 370 29.40 -40.43 -81.35
CA ASP B 370 28.30 -39.84 -82.11
C ASP B 370 27.45 -38.91 -81.24
N HIS B 371 28.00 -38.41 -80.15
CA HIS B 371 27.27 -37.54 -79.25
C HIS B 371 27.26 -36.11 -79.78
N GLN B 372 26.48 -35.25 -79.12
CA GLN B 372 26.50 -33.83 -79.44
C GLN B 372 27.72 -33.18 -78.80
N TYR B 373 27.90 -31.89 -79.06
CA TYR B 373 29.13 -31.20 -78.70
C TYR B 373 28.83 -29.73 -78.57
N GLN B 374 29.66 -29.03 -77.80
CA GLN B 374 29.73 -27.58 -77.88
C GLN B 374 31.14 -27.12 -77.58
N PHE B 375 31.64 -26.22 -78.42
CA PHE B 375 32.95 -25.62 -78.18
C PHE B 375 32.94 -24.90 -76.84
N LEU B 376 34.02 -25.11 -76.07
CA LEU B 376 33.97 -24.84 -74.64
C LEU B 376 33.53 -23.42 -74.33
N GLU B 377 33.97 -22.44 -75.13
CA GLU B 377 33.65 -21.05 -74.82
C GLU B 377 32.14 -20.84 -74.80
N ASP B 378 31.45 -21.33 -75.83
CA ASP B 378 30.01 -21.10 -75.94
C ASP B 378 29.24 -21.81 -74.83
N ALA B 379 29.68 -23.01 -74.45
CA ALA B 379 28.97 -23.77 -73.43
C ALA B 379 29.20 -23.16 -72.06
N VAL B 380 30.43 -22.73 -71.78
CA VAL B 380 30.72 -22.11 -70.49
C VAL B 380 29.94 -20.81 -70.35
N ARG B 381 29.93 -19.97 -71.39
CA ARG B 381 29.15 -18.75 -71.32
C ARG B 381 27.67 -19.06 -71.12
N ASN B 382 27.16 -20.07 -71.82
CA ASN B 382 25.76 -20.47 -71.68
C ASN B 382 25.43 -20.85 -70.25
N GLN B 383 26.24 -21.72 -69.65
CA GLN B 383 25.97 -22.18 -68.30
C GLN B 383 26.14 -21.06 -67.28
N ARG B 384 27.11 -20.16 -67.50
CA ARG B 384 27.24 -19.02 -66.61
C ARG B 384 25.98 -18.15 -66.66
N LYS B 385 25.44 -17.94 -67.87
CA LYS B 385 24.19 -17.19 -67.99
C LYS B 385 23.08 -17.86 -67.18
N LEU B 386 22.92 -19.18 -67.36
CA LEU B 386 21.83 -19.87 -66.68
C LEU B 386 21.99 -19.77 -65.16
N LEU B 387 23.20 -20.00 -64.65
CA LEU B 387 23.42 -19.97 -63.22
C LEU B 387 23.28 -18.56 -62.65
N ALA B 388 23.67 -17.54 -63.42
CA ALA B 388 23.43 -16.18 -62.98
C ALA B 388 21.93 -15.90 -62.86
N SER B 389 21.14 -16.41 -63.81
CA SER B 389 19.69 -16.26 -63.71
C SER B 389 19.16 -16.94 -62.45
N LEU B 390 19.64 -18.15 -62.17
CA LEU B 390 19.17 -18.86 -61.00
C LEU B 390 19.54 -18.14 -59.71
N VAL B 391 20.76 -17.58 -59.64
CA VAL B 391 21.16 -16.90 -58.41
C VAL B 391 20.38 -15.60 -58.24
N LYS B 392 20.07 -14.89 -59.34
CA LYS B 392 19.25 -13.70 -59.21
C LYS B 392 17.87 -14.06 -58.65
N ARG B 393 17.25 -15.11 -59.20
CA ARG B 393 15.95 -15.53 -58.70
C ARG B 393 16.02 -15.94 -57.23
N LEU B 394 17.07 -16.68 -56.87
CA LEU B 394 17.19 -17.15 -55.48
C LEU B 394 17.39 -15.97 -54.54
N GLY B 395 18.16 -14.96 -54.96
CA GLY B 395 18.29 -13.77 -54.15
C GLY B 395 16.98 -13.05 -53.95
N ASP B 396 16.18 -12.94 -55.02
CA ASP B 396 14.88 -12.31 -54.88
C ASP B 396 13.98 -13.07 -53.91
N LYS B 397 13.93 -14.40 -54.06
CA LYS B 397 13.08 -15.21 -53.18
C LYS B 397 13.55 -15.12 -51.73
N HIS B 398 14.88 -15.06 -51.52
CA HIS B 398 15.41 -14.95 -50.16
C HIS B 398 15.11 -13.60 -49.54
N ALA B 399 15.19 -12.52 -50.34
CA ALA B 399 14.82 -11.20 -49.85
C ALA B 399 13.37 -11.19 -49.41
N THR B 400 12.47 -11.69 -50.26
CA THR B 400 11.06 -11.73 -49.89
C THR B 400 10.84 -12.63 -48.67
N LEU B 401 11.63 -13.71 -48.54
CA LEU B 401 11.50 -14.58 -47.39
C LEU B 401 11.82 -13.84 -46.09
N GLN B 402 12.97 -13.16 -46.04
CA GLN B 402 13.33 -12.47 -44.81
C GLN B 402 12.38 -11.30 -44.53
N LYS B 403 11.84 -10.67 -45.58
CA LYS B 403 10.83 -9.64 -45.37
C LYS B 403 9.59 -10.23 -44.68
N SER B 404 9.09 -11.36 -45.20
CA SER B 404 7.95 -12.00 -44.56
C SER B 404 8.30 -12.47 -43.15
N THR B 405 9.55 -12.89 -42.93
CA THR B 405 9.98 -13.34 -41.61
C THR B 405 9.88 -12.21 -40.58
N LYS B 406 10.42 -11.03 -40.94
CA LYS B 406 10.32 -9.90 -40.02
C LYS B 406 8.88 -9.43 -39.87
N GLU B 407 8.05 -9.57 -40.92
CA GLU B 407 6.63 -9.26 -40.75
C GLU B 407 5.98 -10.19 -39.73
N VAL B 408 6.39 -11.46 -39.71
CA VAL B 408 5.84 -12.40 -38.73
C VAL B 408 6.32 -12.05 -37.32
N ARG B 409 7.58 -11.66 -37.19
CA ARG B 409 8.07 -11.18 -35.89
C ARG B 409 7.25 -9.99 -35.42
N SER B 410 6.95 -9.06 -36.33
CA SER B 410 6.09 -7.93 -35.98
C SER B 410 4.71 -8.42 -35.56
N SER B 411 4.22 -9.48 -36.19
CA SER B 411 2.89 -9.99 -35.87
C SER B 411 2.85 -10.61 -34.48
N ILE B 412 3.92 -11.27 -34.06
CA ILE B 412 3.93 -11.84 -32.70
C ILE B 412 4.03 -10.71 -31.69
N ARG B 413 4.84 -9.69 -31.98
CA ARG B 413 4.84 -8.52 -31.10
C ARG B 413 3.44 -7.95 -30.97
N GLN B 414 2.71 -7.85 -32.09
CA GLN B 414 1.39 -7.24 -32.06
C GLN B 414 0.38 -8.11 -31.32
N VAL B 415 0.50 -9.44 -31.40
CA VAL B 415 -0.43 -10.28 -30.65
C VAL B 415 -0.18 -10.14 -29.15
N SER B 416 1.09 -10.00 -28.75
CA SER B 416 1.36 -9.77 -27.33
C SER B 416 0.79 -8.41 -26.89
N ASP B 417 0.93 -7.39 -27.74
CA ASP B 417 0.31 -6.10 -27.43
C ASP B 417 -1.20 -6.20 -27.35
N VAL B 418 -1.81 -7.02 -28.20
CA VAL B 418 -3.26 -7.23 -28.16
C VAL B 418 -3.65 -7.87 -26.83
N GLN B 419 -2.85 -8.83 -26.37
CA GLN B 419 -3.12 -9.47 -25.10
C GLN B 419 -3.11 -8.46 -23.96
N LYS B 420 -2.06 -7.64 -23.91
CA LYS B 420 -2.02 -6.58 -22.89
C LYS B 420 -3.23 -5.66 -23.02
N ARG B 421 -3.61 -5.32 -24.26
CA ARG B 421 -4.75 -4.44 -24.48
C ARG B 421 -6.01 -5.00 -23.84
N VAL B 422 -6.33 -6.27 -24.13
CA VAL B 422 -7.56 -6.86 -23.60
C VAL B 422 -7.49 -6.92 -22.08
N GLN B 423 -6.38 -7.42 -21.54
CA GLN B 423 -6.30 -7.62 -20.09
C GLN B 423 -6.43 -6.30 -19.34
N VAL B 424 -5.72 -5.26 -19.80
CA VAL B 424 -5.74 -4.00 -19.05
C VAL B 424 -7.06 -3.28 -19.25
N ASP B 425 -7.68 -3.38 -20.43
CA ASP B 425 -8.98 -2.73 -20.61
C ASP B 425 -10.06 -3.41 -19.78
N VAL B 426 -9.99 -4.74 -19.63
CA VAL B 426 -10.92 -5.41 -18.74
C VAL B 426 -10.70 -4.96 -17.31
N LYS B 427 -9.44 -4.93 -16.87
CA LYS B 427 -9.16 -4.50 -15.50
C LYS B 427 -9.71 -3.09 -15.25
N MET B 428 -9.47 -2.17 -16.18
CA MET B 428 -9.90 -0.79 -15.98
C MET B 428 -11.42 -0.65 -16.06
N ALA B 429 -12.07 -1.41 -16.94
CA ALA B 429 -13.53 -1.36 -17.02
C ALA B 429 -14.16 -1.81 -15.71
N ILE B 430 -13.70 -2.96 -15.17
CA ILE B 430 -14.23 -3.43 -13.90
C ILE B 430 -13.90 -2.45 -12.79
N LEU B 431 -12.70 -1.86 -12.83
CA LEU B 431 -12.34 -0.84 -11.83
C LEU B 431 -13.29 0.34 -11.90
N GLN B 432 -13.71 0.73 -13.11
CA GLN B 432 -14.66 1.84 -13.24
C GLN B 432 -16.02 1.45 -12.69
N ILE B 433 -16.44 0.20 -12.91
CA ILE B 433 -17.70 -0.26 -12.36
C ILE B 433 -17.66 -0.20 -10.84
N MET B 434 -16.58 -0.70 -10.24
CA MET B 434 -16.44 -0.64 -8.79
C MET B 434 -16.32 0.80 -8.30
N LYS B 435 -15.81 1.70 -9.13
CA LYS B 435 -15.73 3.11 -8.76
C LYS B 435 -17.11 3.74 -8.68
N GLU B 436 -17.93 3.54 -9.72
CA GLU B 436 -19.29 4.06 -9.68
C GLU B 436 -20.08 3.45 -8.53
N LEU B 437 -19.80 2.18 -8.21
CA LEU B 437 -20.48 1.53 -7.10
C LEU B 437 -20.05 2.14 -5.77
N ASN B 438 -18.75 2.38 -5.59
CA ASN B 438 -18.27 3.04 -4.37
C ASN B 438 -18.84 4.44 -4.24
N LYS B 439 -19.01 5.14 -5.38
CA LYS B 439 -19.63 6.47 -5.34
C LYS B 439 -21.06 6.36 -4.83
N ARG B 440 -21.83 5.42 -5.37
CA ARG B 440 -23.19 5.22 -4.87
C ARG B 440 -23.18 4.91 -3.37
N GLY B 441 -22.25 4.06 -2.93
CA GLY B 441 -22.21 3.70 -1.52
C GLY B 441 -21.85 4.87 -0.62
N ARG B 442 -20.91 5.71 -1.05
CA ARG B 442 -20.53 6.88 -0.27
C ARG B 442 -21.68 7.88 -0.20
N VAL B 443 -22.46 8.00 -1.28
CA VAL B 443 -23.61 8.88 -1.23
C VAL B 443 -24.71 8.28 -0.35
N LEU B 444 -24.80 6.95 -0.30
CA LEU B 444 -25.81 6.29 0.52
C LEU B 444 -25.52 6.44 2.01
N VAL B 445 -24.25 6.31 2.42
CA VAL B 445 -23.93 6.43 3.84
C VAL B 445 -24.31 7.80 4.36
N ASN B 446 -24.31 8.82 3.50
CA ASN B 446 -24.66 10.17 3.91
C ASN B 446 -26.09 10.24 4.44
N ASP B 447 -27.01 9.46 3.87
CA ASP B 447 -28.40 9.48 4.33
C ASP B 447 -28.52 8.92 5.74
N ALA B 448 -27.81 7.81 6.02
CA ALA B 448 -27.77 7.29 7.37
C ALA B 448 -27.16 8.31 8.31
N GLN B 449 -26.10 8.99 7.87
CA GLN B 449 -25.48 10.03 8.68
C GLN B 449 -26.47 11.14 9.01
N LYS B 450 -27.24 11.59 8.03
CA LYS B 450 -28.20 12.66 8.28
C LYS B 450 -29.26 12.23 9.30
N VAL B 451 -29.91 11.10 9.06
CA VAL B 451 -30.99 10.68 9.97
C VAL B 451 -30.42 10.45 11.37
N THR B 452 -29.22 9.86 11.47
CA THR B 452 -28.66 9.55 12.77
C THR B 452 -28.21 10.81 13.49
N GLU B 453 -27.68 11.79 12.77
CA GLU B 453 -27.31 13.05 13.41
C GLU B 453 -28.54 13.76 13.93
N GLY B 454 -29.65 13.69 13.20
CA GLY B 454 -30.88 14.28 13.71
C GLY B 454 -31.38 13.63 14.99
N GLN B 455 -31.50 12.29 14.96
CA GLN B 455 -31.98 11.60 16.16
C GLN B 455 -31.04 11.80 17.33
N GLN B 456 -29.73 11.75 17.08
CA GLN B 456 -28.76 11.92 18.16
C GLN B 456 -28.81 13.33 18.72
N GLU B 457 -29.04 14.33 17.86
CA GLU B 457 -29.20 15.69 18.36
C GLU B 457 -30.39 15.80 19.30
N ARG B 458 -31.53 15.23 18.90
CA ARG B 458 -32.71 15.30 19.75
C ARG B 458 -32.47 14.60 21.09
N LEU B 459 -31.88 13.39 21.06
CA LEU B 459 -31.66 12.66 22.29
C LEU B 459 -30.57 13.31 23.15
N GLU B 460 -29.60 13.99 22.53
CA GLU B 460 -28.57 14.68 23.30
C GLU B 460 -29.17 15.88 24.02
N ARG B 461 -30.05 16.63 23.35
CA ARG B 461 -30.74 17.73 24.01
C ARG B 461 -31.60 17.22 25.16
N GLN B 462 -32.30 16.10 24.94
CA GLN B 462 -33.09 15.50 25.99
C GLN B 462 -32.22 15.13 27.19
N HIS B 463 -31.05 14.55 26.93
CA HIS B 463 -30.15 14.17 28.02
C HIS B 463 -29.63 15.40 28.76
N TRP B 464 -29.40 16.51 28.05
CA TRP B 464 -28.94 17.71 28.74
C TRP B 464 -30.00 18.25 29.69
N THR B 465 -31.25 18.36 29.19
CA THR B 465 -32.31 18.83 30.08
C THR B 465 -32.54 17.87 31.24
N MET B 466 -32.34 16.56 31.00
CA MET B 466 -32.50 15.59 32.07
C MET B 466 -31.40 15.72 33.12
N THR B 467 -30.18 16.04 32.70
CA THR B 467 -29.11 16.30 33.67
C THR B 467 -29.42 17.54 34.51
N LYS B 468 -29.92 18.61 33.87
CA LYS B 468 -30.28 19.79 34.64
C LYS B 468 -31.38 19.46 35.66
N ILE B 469 -32.40 18.71 35.22
CA ILE B 469 -33.47 18.30 36.13
C ILE B 469 -32.90 17.51 37.30
N GLN B 470 -32.04 16.55 37.01
CA GLN B 470 -31.43 15.72 38.05
C GLN B 470 -30.69 16.60 39.06
N LYS B 471 -29.92 17.56 38.57
CA LYS B 471 -29.10 18.37 39.46
C LYS B 471 -29.96 19.20 40.41
N HIS B 472 -30.88 20.01 39.85
CA HIS B 472 -31.66 20.90 40.72
C HIS B 472 -32.62 20.07 41.61
N GLN B 473 -33.01 18.86 41.17
CA GLN B 473 -33.75 17.98 42.06
C GLN B 473 -32.90 17.54 43.24
N GLU B 474 -31.64 17.18 42.98
CA GLU B 474 -30.74 16.81 44.07
C GLU B 474 -30.56 17.98 45.04
N HIS B 475 -30.53 19.21 44.50
CA HIS B 475 -30.41 20.38 45.37
C HIS B 475 -31.61 20.49 46.29
N ILE B 476 -32.82 20.42 45.72
CA ILE B 476 -34.03 20.47 46.54
C ILE B 476 -34.00 19.35 47.57
N LEU B 477 -33.52 18.17 47.19
CA LEU B 477 -33.54 17.03 48.09
C LEU B 477 -32.61 17.24 49.28
N ARG B 478 -31.40 17.74 49.04
CA ARG B 478 -30.49 18.03 50.15
C ARG B 478 -31.09 19.08 51.07
N PHE B 479 -31.61 20.16 50.49
CA PHE B 479 -32.11 21.25 51.33
C PHE B 479 -33.36 20.83 52.10
N ALA B 480 -34.13 19.87 51.57
CA ALA B 480 -35.31 19.39 52.28
C ALA B 480 -34.93 18.36 53.35
N SER B 481 -34.00 17.46 53.02
CA SER B 481 -33.45 16.55 54.00
C SER B 481 -32.76 17.29 55.14
N TRP B 482 -32.56 18.59 54.97
CA TRP B 482 -32.05 19.44 56.03
C TRP B 482 -33.13 19.75 57.08
N ALA B 483 -34.26 19.05 57.06
CA ALA B 483 -35.26 19.14 58.12
C ALA B 483 -34.83 18.40 59.38
N LEU B 484 -33.64 17.78 59.38
CA LEU B 484 -33.19 17.00 60.51
C LEU B 484 -32.89 17.87 61.72
N GLU B 485 -32.38 19.08 61.49
CA GLU B 485 -32.04 19.98 62.58
C GLU B 485 -33.32 20.41 63.30
N SER B 486 -33.49 19.93 64.53
CA SER B 486 -34.64 20.31 65.34
C SER B 486 -34.66 21.82 65.55
N ASP B 487 -35.74 22.45 65.13
CA ASP B 487 -35.83 23.91 65.14
C ASP B 487 -37.30 24.29 64.95
N ASN B 488 -37.56 25.59 64.93
CA ASN B 488 -38.88 26.12 64.60
C ASN B 488 -38.91 26.59 63.15
N ASN B 489 -38.54 25.68 62.25
CA ASN B 489 -38.54 25.93 60.82
C ASN B 489 -39.90 26.06 60.24
N THR B 490 -40.97 26.11 61.05
CA THR B 490 -42.30 26.28 60.49
C THR B 490 -42.34 27.52 59.59
N ALA B 491 -41.60 28.56 59.97
CA ALA B 491 -41.60 29.82 59.24
C ALA B 491 -40.97 29.65 57.87
N LEU B 492 -40.58 28.43 57.53
CA LEU B 492 -39.99 28.14 56.23
C LEU B 492 -40.76 27.09 55.46
N LEU B 493 -41.98 26.75 55.88
CA LEU B 493 -42.76 25.74 55.16
C LEU B 493 -42.99 26.16 53.72
N LEU B 494 -43.51 27.38 53.52
CA LEU B 494 -43.96 27.79 52.19
C LEU B 494 -42.89 27.57 51.14
N SER B 495 -41.64 27.91 51.45
CA SER B 495 -40.57 27.76 50.47
C SER B 495 -40.20 26.29 50.30
N LYS B 496 -40.16 25.53 51.40
CA LYS B 496 -39.72 24.14 51.33
C LYS B 496 -40.75 23.26 50.64
N LYS B 497 -42.04 23.54 50.83
CA LYS B 497 -43.07 22.72 50.21
C LYS B 497 -43.27 23.06 48.74
N LEU B 498 -43.60 24.32 48.46
CA LEU B 498 -43.95 24.72 47.10
C LEU B 498 -42.82 24.44 46.12
N ILE B 499 -41.58 24.47 46.58
CA ILE B 499 -40.47 24.12 45.71
C ILE B 499 -40.22 22.61 45.68
N TYR B 500 -40.50 21.90 46.78
CA TYR B 500 -40.46 20.45 46.75
C TYR B 500 -41.49 19.91 45.77
N PHE B 501 -42.57 20.66 45.55
CA PHE B 501 -43.65 20.32 44.63
C PHE B 501 -43.23 20.42 43.17
N GLN B 502 -42.01 20.86 42.88
CA GLN B 502 -41.54 21.02 41.51
C GLN B 502 -41.27 19.64 40.93
N LEU B 503 -42.22 19.14 40.15
CA LEU B 503 -42.14 17.87 39.44
C LEU B 503 -42.41 18.13 37.97
N HIS B 504 -41.48 17.71 37.12
CA HIS B 504 -41.47 18.07 35.71
C HIS B 504 -40.90 16.90 34.91
N ARG B 505 -41.06 16.95 33.60
CA ARG B 505 -40.37 16.01 32.73
C ARG B 505 -40.23 16.59 31.32
N ALA B 506 -39.73 15.75 30.42
CA ALA B 506 -39.60 16.06 28.99
C ALA B 506 -40.10 14.85 28.20
N LEU B 507 -39.97 14.91 26.88
CA LEU B 507 -40.35 13.77 26.06
C LEU B 507 -39.91 14.00 24.62
N LYS B 508 -39.48 12.93 23.96
CA LYS B 508 -39.05 12.95 22.56
C LYS B 508 -39.68 11.76 21.84
N MET B 509 -39.74 11.85 20.51
CA MET B 509 -40.45 10.85 19.72
C MET B 509 -39.57 9.64 19.48
N ILE B 510 -40.02 8.48 19.96
CA ILE B 510 -39.25 7.24 19.86
C ILE B 510 -39.16 6.81 18.40
N VAL B 511 -37.94 6.47 17.96
CA VAL B 511 -37.67 6.20 16.55
C VAL B 511 -37.12 4.79 16.40
N ASP B 512 -37.27 4.24 15.19
CA ASP B 512 -36.86 2.89 14.85
C ASP B 512 -35.52 2.90 14.12
N PRO B 513 -34.84 1.75 14.06
CA PRO B 513 -33.49 1.71 13.50
C PRO B 513 -33.48 1.41 12.00
N VAL B 514 -32.35 1.77 11.38
CA VAL B 514 -32.13 1.52 9.96
C VAL B 514 -30.76 0.89 9.79
N GLU B 515 -30.63 -0.39 10.14
CA GLU B 515 -29.34 -1.05 10.07
C GLU B 515 -29.15 -1.97 8.86
N PRO B 516 -30.22 -2.41 8.19
CA PRO B 516 -30.00 -3.29 7.03
C PRO B 516 -29.84 -2.54 5.71
N HIS B 517 -28.84 -2.96 4.94
CA HIS B 517 -28.63 -2.40 3.62
C HIS B 517 -29.58 -2.98 2.60
N GLY B 518 -29.98 -4.24 2.77
CA GLY B 518 -30.93 -4.84 1.86
C GLY B 518 -30.41 -4.96 0.44
N GLU B 519 -29.20 -5.47 0.28
CA GLU B 519 -28.66 -5.69 -1.06
C GLU B 519 -29.10 -7.08 -1.53
N MET B 520 -29.44 -7.19 -2.81
CA MET B 520 -29.85 -8.46 -3.38
C MET B 520 -28.63 -9.11 -4.02
N LYS B 521 -27.90 -9.89 -3.21
CA LYS B 521 -26.66 -10.50 -3.66
C LYS B 521 -26.87 -11.59 -4.70
N PHE B 522 -28.05 -12.22 -4.73
CA PHE B 522 -28.35 -13.18 -5.79
C PHE B 522 -28.26 -12.54 -7.16
N GLN B 523 -28.84 -11.34 -7.30
CA GLN B 523 -28.77 -10.64 -8.58
C GLN B 523 -27.32 -10.41 -9.01
N TRP B 524 -26.44 -10.15 -8.05
CA TRP B 524 -25.05 -9.86 -8.37
C TRP B 524 -24.25 -11.13 -8.64
N ASP B 525 -24.62 -12.25 -8.00
CA ASP B 525 -23.97 -13.51 -8.32
C ASP B 525 -24.41 -14.03 -9.69
N LEU B 526 -25.64 -13.71 -10.11
CA LEU B 526 -26.05 -13.99 -11.48
C LEU B 526 -25.34 -13.04 -12.45
N ASN B 527 -25.33 -11.74 -12.15
CA ASN B 527 -24.74 -10.72 -13.02
C ASN B 527 -23.23 -10.84 -13.12
N ALA B 528 -22.57 -11.61 -12.24
CA ALA B 528 -21.12 -11.76 -12.37
C ALA B 528 -20.75 -12.42 -13.68
N TRP B 529 -21.64 -13.24 -14.24
CA TRP B 529 -21.38 -13.95 -15.49
C TRP B 529 -21.94 -13.18 -16.68
N THR B 530 -21.46 -11.94 -16.85
CA THR B 530 -21.85 -11.08 -17.97
C THR B 530 -20.55 -10.60 -18.64
N LYS B 531 -19.88 -11.52 -19.31
CA LYS B 531 -18.52 -11.31 -19.81
C LYS B 531 -18.50 -11.59 -21.31
N SER B 532 -18.14 -10.57 -22.09
CA SER B 532 -18.10 -10.67 -23.54
C SER B 532 -16.65 -10.57 -24.02
N ALA B 533 -16.30 -11.41 -24.99
CA ALA B 533 -14.96 -11.43 -25.56
C ALA B 533 -15.08 -11.47 -27.09
N GLU B 534 -15.51 -10.35 -27.67
CA GLU B 534 -15.70 -10.26 -29.11
C GLU B 534 -14.39 -10.49 -29.85
N ALA B 535 -14.42 -10.34 -31.17
CA ALA B 535 -13.22 -10.52 -31.99
C ALA B 535 -13.30 -9.56 -33.18
N PHE B 536 -12.16 -9.41 -33.88
CA PHE B 536 -12.11 -8.49 -35.00
C PHE B 536 -13.04 -8.93 -36.12
N GLY B 537 -13.17 -10.23 -36.34
CA GLY B 537 -13.98 -10.76 -37.41
C GLY B 537 -13.51 -10.30 -38.77
ZN ZN C . -21.43 35.76 50.36
ZN ZN D . -31.33 30.23 43.29
ZN ZN E . -47.62 41.04 65.22
ZN ZN F . -55.61 32.93 60.48
ZN ZN G . 29.30 -38.52 -74.35
ZN ZN H . 40.00 -39.57 -71.69
ZN ZN I . 39.42 -30.96 -42.39
ZN ZN J . 26.54 -30.71 -46.01
#